data_6LYJ
#
_entry.id   6LYJ
#
_cell.length_a   49.480
_cell.length_b   93.496
_cell.length_c   156.943
_cell.angle_alpha   90.000
_cell.angle_beta   90.000
_cell.angle_gamma   90.000
#
_symmetry.space_group_name_H-M   'P 21 21 21'
#
loop_
_entity.id
_entity.type
_entity.pdbx_description
1 polymer 'Uracil-DNA glycosylase'
2 polymer SAUGI
3 water water
#
loop_
_entity_poly.entity_id
_entity_poly.type
_entity_poly.pdbx_seq_one_letter_code
_entity_poly.pdbx_strand_id
1 'polypeptide(L)'
;MASRGLDLWLDEHVWKRKQEIGVKGENLLLPDLWLDFLQLSPIFQRKLAAVIACVRRLRTQATVYPEEDMCMAWARFCDP
SDIKVVILGQDPYHGGQANGLAFSVAYGFPVPPSLRNIYAELHRSLPEFSPPDHGCLDAWASQGVLLLNTILTVQKGKPG
SHADIGWAWFTDHVISLLSERLKACVFMLWGAKAGDKASLINSKKHLVLTSQHPSPLAQNSTRKSAQQKFLGNNHFVLAN
NFLREKGLGEIDWRL
;
A,B
2 'polypeptide(L)'
;MTLELQLKHYITNLFNLPKDEKWECESIEEIADDILPDQYVRLGALSNKILQTYTYYSDTLHESNIYPFILYYQKQLIAI
GYIDENHDMDFLYLHNTIMPLLDQRYLLTGGQ
;
C,D
#
# COMPACT_ATOMS: atom_id res chain seq x y z
N ASN A 27 -0.59 -21.81 -13.11
CA ASN A 27 0.45 -20.98 -12.50
C ASN A 27 0.64 -21.32 -11.03
N LEU A 28 1.77 -21.97 -10.71
CA LEU A 28 2.09 -22.36 -9.35
C LEU A 28 2.94 -21.34 -8.62
N LEU A 29 3.17 -20.16 -9.22
CA LEU A 29 3.84 -19.03 -8.60
C LEU A 29 5.31 -19.28 -8.29
N LEU A 30 5.76 -20.52 -8.42
CA LEU A 30 7.13 -20.88 -8.13
C LEU A 30 8.02 -20.66 -9.36
N PRO A 31 9.29 -20.34 -9.15
CA PRO A 31 10.23 -20.25 -10.27
C PRO A 31 10.43 -21.61 -10.91
N ASP A 32 10.82 -21.58 -12.19
CA ASP A 32 10.99 -22.82 -12.95
C ASP A 32 12.01 -23.75 -12.30
N LEU A 33 13.07 -23.19 -11.71
CA LEU A 33 14.06 -24.03 -11.06
C LEU A 33 13.44 -24.80 -9.89
N TRP A 34 12.51 -24.16 -9.17
CA TRP A 34 11.84 -24.85 -8.07
C TRP A 34 10.88 -25.91 -8.58
N LEU A 35 10.18 -25.64 -9.69
CA LEU A 35 9.33 -26.67 -10.28
C LEU A 35 10.17 -27.88 -10.69
N ASP A 36 11.32 -27.64 -11.34
CA ASP A 36 12.23 -28.73 -11.67
C ASP A 36 12.71 -29.46 -10.41
N PHE A 37 13.02 -28.71 -9.35
CA PHE A 37 13.55 -29.30 -8.13
C PHE A 37 12.52 -30.17 -7.42
N LEU A 38 11.27 -29.71 -7.34
CA LEU A 38 10.27 -30.43 -6.56
C LEU A 38 9.71 -31.63 -7.32
N GLN A 39 9.67 -31.57 -8.65
CA GLN A 39 9.11 -32.65 -9.47
C GLN A 39 7.72 -33.04 -8.96
N LEU A 40 6.86 -32.05 -8.80
CA LEU A 40 5.54 -32.29 -8.21
C LEU A 40 4.71 -33.19 -9.11
N SER A 41 4.13 -34.23 -8.53
CA SER A 41 3.20 -35.07 -9.26
C SER A 41 2.01 -34.23 -9.72
N PRO A 42 1.27 -34.71 -10.73
CA PRO A 42 0.07 -33.97 -11.16
C PRO A 42 -0.91 -33.68 -10.03
N ILE A 43 -1.15 -34.66 -9.14
CA ILE A 43 -2.08 -34.43 -8.04
C ILE A 43 -1.52 -33.41 -7.06
N PHE A 44 -0.21 -33.45 -6.80
CA PHE A 44 0.37 -32.44 -5.90
C PHE A 44 0.33 -31.06 -6.56
N GLN A 45 0.52 -31.01 -7.88
CA GLN A 45 0.36 -29.74 -8.59
C GLN A 45 -1.05 -29.20 -8.40
N ARG A 46 -2.05 -30.07 -8.51
CA ARG A 46 -3.44 -29.61 -8.36
C ARG A 46 -3.73 -29.18 -6.92
N LYS A 47 -3.15 -29.88 -5.94
CA LYS A 47 -3.35 -29.49 -4.55
C LYS A 47 -2.72 -28.12 -4.25
N LEU A 48 -1.51 -27.88 -4.75
CA LEU A 48 -0.91 -26.56 -4.61
C LEU A 48 -1.74 -25.50 -5.32
N ALA A 49 -2.17 -25.77 -6.56
CA ALA A 49 -3.03 -24.85 -7.28
C ALA A 49 -4.30 -24.54 -6.49
N ALA A 50 -4.81 -25.53 -5.76
CA ALA A 50 -6.03 -25.33 -4.98
C ALA A 50 -5.77 -24.41 -3.79
N VAL A 51 -4.60 -24.54 -3.17
CA VAL A 51 -4.27 -23.63 -2.07
C VAL A 51 -4.14 -22.21 -2.60
N ILE A 52 -3.44 -22.06 -3.73
CA ILE A 52 -3.30 -20.75 -4.37
C ILE A 52 -4.67 -20.15 -4.68
N ALA A 53 -5.58 -20.98 -5.19
CA ALA A 53 -6.93 -20.51 -5.51
C ALA A 53 -7.67 -20.08 -4.26
N CYS A 54 -7.52 -20.83 -3.16
CA CYS A 54 -8.12 -20.44 -1.90
C CYS A 54 -7.66 -19.06 -1.47
N VAL A 55 -6.34 -18.82 -1.53
CA VAL A 55 -5.82 -17.51 -1.17
C VAL A 55 -6.38 -16.43 -2.09
N ARG A 56 -6.50 -16.75 -3.39
CA ARG A 56 -7.08 -15.78 -4.33
C ARG A 56 -8.52 -15.43 -3.96
N ARG A 57 -9.30 -16.41 -3.53
CA ARG A 57 -10.66 -16.11 -3.09
C ARG A 57 -10.65 -15.25 -1.83
N LEU A 58 -9.77 -15.57 -0.89
CA LEU A 58 -9.73 -14.81 0.36
C LEU A 58 -9.26 -13.36 0.14
N ARG A 59 -8.46 -13.13 -0.90
CA ARG A 59 -7.90 -11.79 -1.11
C ARG A 59 -8.97 -10.76 -1.50
N THR A 60 -10.08 -11.19 -2.11
CA THR A 60 -11.12 -10.24 -2.47
C THR A 60 -12.00 -9.86 -1.29
N GLN A 61 -11.94 -10.62 -0.19
CA GLN A 61 -12.73 -10.33 1.00
C GLN A 61 -11.96 -9.58 2.07
N ALA A 62 -10.64 -9.59 2.04
CA ALA A 62 -9.86 -8.97 3.11
C ALA A 62 -8.43 -8.76 2.62
N THR A 63 -7.68 -7.97 3.40
CA THR A 63 -6.27 -7.75 3.11
C THR A 63 -5.46 -8.98 3.50
N VAL A 64 -4.65 -9.46 2.56
CA VAL A 64 -3.82 -10.64 2.74
C VAL A 64 -2.37 -10.27 2.48
N TYR A 65 -1.47 -10.72 3.36
CA TYR A 65 -0.05 -10.45 3.24
C TYR A 65 0.73 -11.76 3.06
N PRO A 66 1.79 -11.75 2.25
CA PRO A 66 2.13 -10.61 1.39
C PRO A 66 1.28 -10.63 0.12
N GLU A 67 1.60 -9.76 -0.85
CA GLU A 67 0.94 -9.84 -2.15
C GLU A 67 1.24 -11.19 -2.80
N GLU A 68 0.37 -11.57 -3.74
CA GLU A 68 0.52 -12.87 -4.39
C GLU A 68 1.88 -13.02 -5.03
N ASP A 69 2.38 -11.98 -5.71
CA ASP A 69 3.66 -12.08 -6.39
C ASP A 69 4.85 -11.91 -5.46
N MET A 70 4.61 -11.82 -4.15
CA MET A 70 5.67 -11.84 -3.16
C MET A 70 5.62 -13.05 -2.24
N CYS A 71 4.54 -13.84 -2.27
CA CYS A 71 4.46 -14.95 -1.33
C CYS A 71 5.46 -16.07 -1.63
N MET A 72 6.05 -16.08 -2.83
CA MET A 72 7.12 -17.02 -3.17
C MET A 72 8.48 -16.34 -3.30
N ALA A 73 8.63 -15.13 -2.76
CA ALA A 73 9.91 -14.42 -2.88
C ALA A 73 11.05 -15.24 -2.28
N TRP A 74 10.76 -16.00 -1.22
CA TRP A 74 11.76 -16.85 -0.57
C TRP A 74 12.40 -17.86 -1.53
N ALA A 75 11.76 -18.13 -2.67
CA ALA A 75 12.27 -19.11 -3.62
C ALA A 75 13.07 -18.50 -4.76
N ARG A 76 13.18 -17.18 -4.83
CA ARG A 76 13.72 -16.52 -6.01
C ARG A 76 15.15 -16.00 -5.84
N PHE A 77 15.82 -16.27 -4.72
CA PHE A 77 17.13 -15.65 -4.49
C PHE A 77 18.30 -16.56 -4.82
N CYS A 78 18.09 -17.85 -5.04
CA CYS A 78 19.17 -18.74 -5.41
C CYS A 78 18.57 -19.99 -6.03
N ASP A 79 19.42 -20.76 -6.71
CA ASP A 79 18.97 -22.04 -7.21
C ASP A 79 18.73 -22.97 -6.03
N PRO A 80 17.66 -23.77 -6.07
CA PRO A 80 17.41 -24.67 -4.92
C PRO A 80 18.53 -25.66 -4.68
N SER A 81 19.23 -26.09 -5.73
CA SER A 81 20.36 -27.01 -5.53
C SER A 81 21.49 -26.38 -4.74
N ASP A 82 21.54 -25.05 -4.65
CA ASP A 82 22.59 -24.33 -3.94
C ASP A 82 22.22 -23.98 -2.50
N ILE A 83 21.06 -24.42 -2.02
CA ILE A 83 20.64 -24.12 -0.66
C ILE A 83 21.56 -24.82 0.32
N LYS A 84 22.05 -24.07 1.32
CA LYS A 84 22.97 -24.56 2.34
C LYS A 84 22.42 -24.47 3.74
N VAL A 85 21.51 -23.54 4.01
CA VAL A 85 20.92 -23.35 5.34
C VAL A 85 19.44 -23.10 5.15
N VAL A 86 18.62 -23.77 5.95
CA VAL A 86 17.17 -23.56 5.98
C VAL A 86 16.81 -23.05 7.38
N ILE A 87 16.15 -21.89 7.42
CA ILE A 87 15.65 -21.29 8.65
C ILE A 87 14.13 -21.25 8.53
N LEU A 88 13.44 -21.83 9.50
CA LEU A 88 11.98 -21.93 9.48
C LEU A 88 11.34 -20.84 10.34
N GLY A 89 10.37 -20.14 9.76
CA GLY A 89 9.46 -19.30 10.50
C GLY A 89 8.08 -19.93 10.55
N GLN A 90 7.15 -19.19 11.16
CA GLN A 90 5.77 -19.68 11.25
C GLN A 90 4.93 -19.07 10.14
N ASP A 91 4.26 -17.95 10.40
CA ASP A 91 3.53 -17.30 9.32
C ASP A 91 4.05 -15.88 9.11
N PRO A 92 3.70 -15.22 7.99
CA PRO A 92 4.26 -13.89 7.73
C PRO A 92 3.75 -12.85 8.72
N TYR A 93 4.50 -11.75 8.81
CA TYR A 93 4.02 -10.60 9.55
C TYR A 93 2.68 -10.14 8.98
N HIS A 94 1.80 -9.66 9.86
CA HIS A 94 0.41 -9.41 9.47
C HIS A 94 0.07 -7.92 9.50
N GLY A 95 1.07 -7.05 9.42
CA GLY A 95 0.81 -5.62 9.46
C GLY A 95 1.39 -4.88 8.27
N GLY A 96 1.72 -5.61 7.21
CA GLY A 96 2.27 -5.03 6.01
C GLY A 96 3.78 -5.03 5.91
N GLN A 97 4.50 -5.53 6.91
CA GLN A 97 5.95 -5.49 6.85
C GLN A 97 6.56 -6.75 6.24
N ALA A 98 5.75 -7.79 5.99
CA ALA A 98 6.29 -9.02 5.42
C ALA A 98 6.77 -8.81 3.99
N ASN A 99 7.86 -9.49 3.63
CA ASN A 99 8.44 -9.40 2.30
C ASN A 99 8.63 -10.77 1.66
N GLY A 100 7.90 -11.79 2.11
CA GLY A 100 8.01 -13.10 1.50
C GLY A 100 9.15 -13.94 2.00
N LEU A 101 9.94 -13.43 2.94
CA LEU A 101 11.00 -14.17 3.62
C LEU A 101 10.63 -14.32 5.10
N ALA A 102 11.05 -15.44 5.69
CA ALA A 102 10.91 -15.59 7.13
C ALA A 102 11.74 -14.53 7.85
N PHE A 103 11.17 -13.96 8.93
CA PHE A 103 11.84 -13.06 9.86
C PHE A 103 12.21 -11.70 9.28
N SER A 104 12.54 -11.65 8.00
CA SER A 104 12.99 -10.43 7.37
C SER A 104 11.83 -9.43 7.21
N VAL A 105 12.19 -8.15 7.20
CA VAL A 105 11.25 -7.09 6.82
C VAL A 105 11.92 -6.23 5.75
N ALA A 106 11.08 -5.56 4.96
CA ALA A 106 11.58 -4.72 3.88
C ALA A 106 12.36 -3.52 4.41
N TYR A 107 13.17 -2.93 3.54
CA TYR A 107 13.95 -1.76 3.93
C TYR A 107 13.03 -0.63 4.36
N GLY A 108 13.46 0.12 5.37
CA GLY A 108 12.66 1.19 5.91
C GLY A 108 11.77 0.80 7.07
N PHE A 109 11.53 -0.50 7.27
CA PHE A 109 10.70 -0.95 8.39
C PHE A 109 11.57 -1.19 9.63
N PRO A 110 11.05 -0.84 10.81
CA PRO A 110 11.78 -1.16 12.04
C PRO A 110 12.03 -2.66 12.17
N VAL A 111 13.13 -3.01 12.81
CA VAL A 111 13.54 -4.41 12.96
C VAL A 111 12.68 -5.07 14.03
N PRO A 112 12.00 -6.17 13.71
CA PRO A 112 11.12 -6.82 14.69
C PRO A 112 11.91 -7.46 15.81
N PRO A 113 11.26 -7.76 16.95
CA PRO A 113 12.02 -8.21 18.13
C PRO A 113 12.81 -9.50 17.93
N SER A 114 12.20 -10.51 17.31
CA SER A 114 12.91 -11.78 17.10
C SER A 114 14.13 -11.58 16.22
N LEU A 115 14.02 -10.71 15.21
CA LEU A 115 15.15 -10.46 14.34
C LEU A 115 16.26 -9.71 15.08
N ARG A 116 15.88 -8.79 15.96
CA ARG A 116 16.87 -8.15 16.83
C ARG A 116 17.63 -9.18 17.66
N ASN A 117 16.91 -10.17 18.22
CA ASN A 117 17.61 -11.17 19.03
C ASN A 117 18.44 -12.12 18.18
N ILE A 118 18.02 -12.39 16.95
CA ILE A 118 18.87 -13.09 15.99
C ILE A 118 20.17 -12.32 15.79
N TYR A 119 20.05 -11.01 15.53
CA TYR A 119 21.23 -10.16 15.39
C TYR A 119 22.10 -10.23 16.64
N ALA A 120 21.48 -10.26 17.82
CA ALA A 120 22.24 -10.30 19.07
C ALA A 120 23.06 -11.58 19.17
N GLU A 121 22.48 -12.72 18.76
CA GLU A 121 23.23 -13.96 18.79
C GLU A 121 24.34 -13.97 17.73
N LEU A 122 24.08 -13.38 16.56
CA LEU A 122 25.12 -13.25 15.56
C LEU A 122 26.28 -12.40 16.08
N HIS A 123 25.96 -11.32 16.78
CA HIS A 123 26.98 -10.42 17.30
C HIS A 123 27.78 -11.08 18.42
N ARG A 124 27.11 -11.85 19.28
CA ARG A 124 27.82 -12.61 20.30
C ARG A 124 28.76 -13.64 19.68
N SER A 125 28.30 -14.37 18.68
CA SER A 125 29.03 -15.52 18.16
C SER A 125 30.05 -15.17 17.08
N LEU A 126 29.88 -14.05 16.38
CA LEU A 126 30.70 -13.72 15.21
C LEU A 126 31.32 -12.35 15.40
N PRO A 127 32.62 -12.26 15.70
CA PRO A 127 33.22 -10.95 16.01
C PRO A 127 33.10 -9.94 14.88
N GLU A 128 33.08 -10.39 13.63
CA GLU A 128 32.95 -9.48 12.49
C GLU A 128 31.52 -9.03 12.23
N PHE A 129 30.53 -9.60 12.90
CA PHE A 129 29.14 -9.20 12.70
C PHE A 129 28.77 -8.03 13.61
N SER A 130 28.23 -6.97 13.00
CA SER A 130 27.69 -5.83 13.70
C SER A 130 26.21 -5.70 13.37
N PRO A 131 25.32 -5.66 14.36
CA PRO A 131 23.89 -5.60 14.09
C PRO A 131 23.53 -4.43 13.19
N PRO A 132 22.83 -4.67 12.08
CA PRO A 132 22.47 -3.58 11.18
C PRO A 132 21.26 -2.80 11.68
N ASP A 133 20.96 -1.72 10.97
CA ASP A 133 19.81 -0.87 11.25
C ASP A 133 18.60 -1.23 10.38
N HIS A 134 18.63 -2.37 9.70
CA HIS A 134 17.57 -2.78 8.80
C HIS A 134 17.24 -4.24 9.05
N GLY A 135 16.13 -4.70 8.48
CA GLY A 135 15.74 -6.08 8.67
C GLY A 135 15.79 -6.89 7.38
N CYS A 136 16.60 -6.45 6.43
CA CYS A 136 16.68 -7.04 5.10
C CYS A 136 17.67 -8.20 5.10
N LEU A 137 17.16 -9.41 4.87
CA LEU A 137 17.99 -10.61 4.86
C LEU A 137 18.29 -11.08 3.44
N ASP A 138 18.12 -10.20 2.44
CA ASP A 138 18.29 -10.61 1.04
C ASP A 138 19.65 -11.24 0.78
N ALA A 139 20.72 -10.68 1.37
CA ALA A 139 22.06 -11.19 1.11
C ALA A 139 22.24 -12.62 1.63
N TRP A 140 21.62 -12.94 2.77
CA TRP A 140 21.58 -14.33 3.22
C TRP A 140 20.89 -15.21 2.18
N ALA A 141 19.72 -14.79 1.71
CA ALA A 141 18.98 -15.61 0.76
C ALA A 141 19.78 -15.81 -0.52
N SER A 142 20.46 -14.76 -0.98
CA SER A 142 21.27 -14.87 -2.19
C SER A 142 22.44 -15.81 -1.99
N GLN A 143 22.90 -16.01 -0.75
CA GLN A 143 24.00 -16.93 -0.50
C GLN A 143 23.53 -18.36 -0.23
N GLY A 144 22.24 -18.66 -0.43
CA GLY A 144 21.73 -19.99 -0.19
C GLY A 144 21.12 -20.23 1.17
N VAL A 145 20.73 -19.19 1.89
CA VAL A 145 19.94 -19.37 3.12
C VAL A 145 18.47 -19.27 2.72
N LEU A 146 17.74 -20.37 2.92
CA LEU A 146 16.31 -20.40 2.61
C LEU A 146 15.54 -19.99 3.85
N LEU A 147 14.85 -18.86 3.76
CA LEU A 147 14.08 -18.27 4.87
C LEU A 147 12.62 -18.63 4.65
N LEU A 148 12.23 -19.80 5.14
CA LEU A 148 10.96 -20.43 4.78
C LEU A 148 9.99 -20.36 5.95
N ASN A 149 8.93 -19.56 5.78
CA ASN A 149 7.77 -19.62 6.67
C ASN A 149 6.93 -20.85 6.32
N THR A 150 6.52 -21.61 7.35
CA THR A 150 5.72 -22.79 7.09
C THR A 150 4.33 -22.42 6.55
N ILE A 151 3.83 -21.25 6.92
CA ILE A 151 2.58 -20.70 6.38
C ILE A 151 2.94 -19.48 5.56
N LEU A 152 2.48 -19.43 4.30
CA LEU A 152 3.00 -18.44 3.37
C LEU A 152 2.12 -17.20 3.23
N THR A 153 0.91 -17.21 3.76
CA THR A 153 0.06 -16.03 3.72
C THR A 153 -0.58 -15.82 5.09
N VAL A 154 -1.14 -14.62 5.30
CA VAL A 154 -1.84 -14.30 6.54
C VAL A 154 -2.79 -13.14 6.25
N GLN A 155 -3.96 -13.17 6.89
CA GLN A 155 -4.88 -12.04 6.83
C GLN A 155 -4.40 -10.93 7.74
N LYS A 156 -4.52 -9.69 7.28
CA LYS A 156 -4.10 -8.52 8.05
C LYS A 156 -4.63 -8.57 9.48
N GLY A 157 -3.72 -8.39 10.43
CA GLY A 157 -4.07 -8.31 11.83
C GLY A 157 -4.48 -9.60 12.49
N LYS A 158 -4.47 -10.73 11.79
CA LYS A 158 -4.96 -11.99 12.33
C LYS A 158 -3.90 -13.08 12.18
N PRO A 159 -2.98 -13.18 13.14
CA PRO A 159 -1.95 -14.23 13.06
C PRO A 159 -2.58 -15.62 13.07
N GLY A 160 -2.03 -16.51 12.26
CA GLY A 160 -2.53 -17.86 12.16
C GLY A 160 -3.81 -18.02 11.37
N SER A 161 -4.33 -16.95 10.77
CA SER A 161 -5.61 -17.01 10.09
C SER A 161 -5.58 -17.90 8.86
N HIS A 162 -4.40 -18.11 8.26
CA HIS A 162 -4.27 -19.01 7.12
C HIS A 162 -3.51 -20.28 7.49
N ALA A 163 -3.50 -20.65 8.77
CA ALA A 163 -2.76 -21.84 9.20
C ALA A 163 -3.37 -23.14 8.69
N ASP A 164 -4.64 -23.15 8.27
CA ASP A 164 -5.31 -24.40 7.92
C ASP A 164 -5.82 -24.43 6.49
N ILE A 165 -5.29 -23.58 5.60
CA ILE A 165 -5.78 -23.56 4.23
C ILE A 165 -4.93 -24.41 3.30
N GLY A 166 -3.90 -25.07 3.82
CA GLY A 166 -3.12 -26.01 3.04
C GLY A 166 -1.66 -25.63 2.85
N TRP A 167 -1.20 -24.48 3.37
CA TRP A 167 0.21 -24.14 3.22
C TRP A 167 1.12 -25.13 3.94
N ALA A 168 0.67 -25.64 5.09
CA ALA A 168 1.52 -26.51 5.90
C ALA A 168 1.87 -27.79 5.16
N TRP A 169 0.91 -28.36 4.42
CA TRP A 169 1.21 -29.52 3.57
C TRP A 169 2.31 -29.18 2.57
N PHE A 170 2.22 -28.01 1.94
CA PHE A 170 3.18 -27.66 0.90
C PHE A 170 4.57 -27.44 1.49
N THR A 171 4.66 -26.67 2.57
CA THR A 171 5.98 -26.39 3.13
C THR A 171 6.59 -27.61 3.81
N ASP A 172 5.76 -28.48 4.41
CA ASP A 172 6.25 -29.78 4.86
C ASP A 172 6.90 -30.54 3.71
N HIS A 173 6.21 -30.59 2.57
CA HIS A 173 6.75 -31.33 1.43
C HIS A 173 8.05 -30.69 0.95
N VAL A 174 8.11 -29.36 0.92
CA VAL A 174 9.33 -28.65 0.55
C VAL A 174 10.49 -29.03 1.48
N ILE A 175 10.22 -29.06 2.79
CA ILE A 175 11.27 -29.43 3.74
C ILE A 175 11.75 -30.86 3.48
N SER A 176 10.79 -31.77 3.29
CA SER A 176 11.13 -33.17 3.02
C SER A 176 12.00 -33.28 1.78
N LEU A 177 11.64 -32.55 0.72
CA LEU A 177 12.38 -32.66 -0.53
C LEU A 177 13.74 -32.00 -0.41
N LEU A 178 13.86 -30.91 0.35
CA LEU A 178 15.18 -30.35 0.59
C LEU A 178 16.09 -31.35 1.29
N SER A 179 15.56 -32.03 2.31
CA SER A 179 16.33 -33.05 3.02
C SER A 179 16.73 -34.18 2.07
N GLU A 180 15.80 -34.62 1.22
CA GLU A 180 16.06 -35.76 0.34
C GLU A 180 17.04 -35.42 -0.78
N ARG A 181 16.88 -34.25 -1.40
CA ARG A 181 17.58 -33.91 -2.64
C ARG A 181 18.92 -33.23 -2.41
N LEU A 182 19.08 -32.51 -1.30
CA LEU A 182 20.36 -31.86 -1.02
C LEU A 182 21.32 -32.84 -0.37
N LYS A 183 22.59 -32.77 -0.79
CA LYS A 183 23.61 -33.66 -0.22
C LYS A 183 23.95 -33.27 1.21
N ALA A 184 24.04 -31.99 1.50
CA ALA A 184 24.43 -31.52 2.82
C ALA A 184 23.82 -30.15 3.06
N CYS A 185 23.07 -30.00 4.14
CA CYS A 185 22.33 -28.78 4.42
C CYS A 185 22.20 -28.61 5.93
N VAL A 186 22.11 -27.36 6.37
CA VAL A 186 21.84 -27.02 7.76
C VAL A 186 20.39 -26.58 7.90
N PHE A 187 19.73 -27.07 8.95
CA PHE A 187 18.35 -26.70 9.28
C PHE A 187 18.32 -26.12 10.68
N MET A 188 17.85 -24.88 10.81
CA MET A 188 17.77 -24.19 12.10
C MET A 188 16.31 -24.12 12.52
N LEU A 189 15.96 -24.85 13.57
CA LEU A 189 14.59 -24.96 14.08
C LEU A 189 14.53 -24.31 15.46
N TRP A 190 13.89 -23.15 15.53
CA TRP A 190 13.81 -22.36 16.76
C TRP A 190 12.40 -22.40 17.32
N GLY A 191 12.25 -22.90 18.55
CA GLY A 191 10.96 -23.00 19.18
C GLY A 191 10.25 -24.31 18.88
N ALA A 192 9.10 -24.50 19.55
CA ALA A 192 8.39 -25.77 19.46
C ALA A 192 7.80 -26.00 18.08
N LYS A 193 7.20 -24.98 17.48
CA LYS A 193 6.55 -25.15 16.19
C LYS A 193 7.56 -25.60 15.14
N ALA A 194 8.66 -24.85 15.00
CA ALA A 194 9.69 -25.24 14.04
C ALA A 194 10.31 -26.58 14.44
N GLY A 195 10.49 -26.81 15.74
CA GLY A 195 11.07 -28.07 16.18
C GLY A 195 10.24 -29.27 15.78
N ASP A 196 8.93 -29.10 15.61
CA ASP A 196 8.09 -30.20 15.19
C ASP A 196 8.45 -30.70 13.79
N LYS A 197 9.17 -29.90 13.00
CA LYS A 197 9.52 -30.28 11.64
C LYS A 197 10.77 -31.15 11.57
N ALA A 198 11.45 -31.35 12.70
CA ALA A 198 12.71 -32.11 12.70
C ALA A 198 12.52 -33.52 12.15
N SER A 199 11.38 -34.14 12.45
CA SER A 199 11.13 -35.50 11.99
C SER A 199 11.00 -35.61 10.48
N LEU A 200 10.91 -34.49 9.77
CA LEU A 200 10.94 -34.50 8.31
C LEU A 200 12.34 -34.57 7.74
N ILE A 201 13.37 -34.33 8.55
CA ILE A 201 14.73 -34.09 8.06
C ILE A 201 15.60 -35.30 8.40
N ASN A 202 16.41 -35.71 7.44
CA ASN A 202 17.36 -36.81 7.62
C ASN A 202 18.57 -36.26 8.38
N SER A 203 18.58 -36.46 9.71
CA SER A 203 19.62 -35.89 10.55
C SER A 203 20.94 -36.64 10.47
N LYS A 204 21.04 -37.69 9.64
CA LYS A 204 22.34 -38.25 9.32
C LYS A 204 23.02 -37.54 8.16
N LYS A 205 22.24 -37.16 7.14
CA LYS A 205 22.79 -36.33 6.07
C LYS A 205 23.05 -34.91 6.55
N HIS A 206 22.11 -34.34 7.30
CA HIS A 206 22.05 -32.91 7.51
C HIS A 206 22.25 -32.57 8.98
N LEU A 207 22.72 -31.35 9.22
CA LEU A 207 22.89 -30.82 10.57
C LEU A 207 21.58 -30.15 10.97
N VAL A 208 20.94 -30.68 12.01
CA VAL A 208 19.69 -30.12 12.52
C VAL A 208 20.00 -29.41 13.83
N LEU A 209 19.91 -28.09 13.81
CA LEU A 209 20.19 -27.25 14.98
C LEU A 209 18.87 -26.79 15.59
N THR A 210 18.71 -27.03 16.89
CA THR A 210 17.49 -26.66 17.59
C THR A 210 17.82 -25.81 18.80
N SER A 211 16.88 -24.95 19.17
CA SER A 211 16.97 -24.14 20.39
C SER A 211 15.60 -23.54 20.64
N GLN A 212 15.49 -22.83 21.75
CA GLN A 212 14.31 -22.02 22.00
C GLN A 212 14.19 -20.91 20.96
N HIS A 213 13.00 -20.34 20.89
CA HIS A 213 12.71 -19.31 19.90
C HIS A 213 13.47 -18.04 20.24
N PRO A 214 13.88 -17.26 19.24
CA PRO A 214 14.57 -15.99 19.51
C PRO A 214 13.66 -14.89 20.06
N SER A 215 12.36 -15.12 20.15
CA SER A 215 11.45 -14.10 20.64
C SER A 215 11.91 -13.58 22.00
N PRO A 216 11.79 -12.27 22.26
CA PRO A 216 12.07 -11.76 23.61
C PRO A 216 11.18 -12.38 24.68
N LEU A 217 10.01 -12.88 24.30
CA LEU A 217 9.13 -13.56 25.26
C LEU A 217 9.79 -14.83 25.81
N ALA A 218 10.57 -15.52 24.99
CA ALA A 218 11.25 -16.74 25.41
C ALA A 218 12.68 -16.50 25.87
N GLN A 219 13.12 -15.24 25.96
CA GLN A 219 14.53 -14.96 26.20
C GLN A 219 14.93 -15.27 27.63
N ASN A 220 14.35 -14.56 28.58
CA ASN A 220 14.61 -14.81 30.00
C ASN A 220 13.49 -15.67 30.56
N SER A 221 13.86 -16.83 31.11
CA SER A 221 12.84 -17.78 31.54
C SER A 221 13.29 -18.58 32.76
N THR A 222 13.41 -19.89 32.58
CA THR A 222 13.62 -20.84 33.67
C THR A 222 14.90 -21.62 33.46
N ARG A 223 15.68 -21.78 34.53
CA ARG A 223 16.77 -22.76 34.52
C ARG A 223 16.15 -24.15 34.62
N LYS A 224 15.35 -24.50 33.60
CA LYS A 224 14.53 -25.70 33.57
C LYS A 224 14.44 -26.24 32.14
N SER A 225 14.25 -25.33 31.19
CA SER A 225 14.11 -25.63 29.77
C SER A 225 15.07 -26.72 29.29
N ALA A 226 14.53 -27.90 28.98
CA ALA A 226 15.31 -28.96 28.36
C ALA A 226 16.02 -28.45 27.12
N GLN A 227 15.42 -27.50 26.42
CA GLN A 227 16.03 -26.90 25.23
C GLN A 227 16.96 -25.75 25.60
N GLN A 228 18.03 -25.63 24.83
CA GLN A 228 19.00 -24.57 24.99
C GLN A 228 18.38 -23.21 24.62
N LYS A 229 18.83 -22.16 25.31
CA LYS A 229 18.38 -20.82 25.01
C LYS A 229 18.84 -20.38 23.62
N PHE A 230 18.07 -19.49 22.99
CA PHE A 230 18.47 -18.98 21.68
C PHE A 230 19.80 -18.24 21.78
N LEU A 231 19.85 -17.22 22.64
CA LEU A 231 21.11 -16.51 22.85
C LEU A 231 22.14 -17.47 23.43
N GLY A 232 23.24 -17.67 22.71
CA GLY A 232 24.21 -18.68 23.07
C GLY A 232 24.09 -19.99 22.33
N ASN A 233 23.12 -20.12 21.42
CA ASN A 233 22.96 -21.42 20.75
C ASN A 233 24.06 -21.69 19.74
N ASN A 234 24.79 -20.66 19.30
CA ASN A 234 25.97 -20.81 18.45
C ASN A 234 25.61 -21.37 17.07
N HIS A 235 24.35 -21.23 16.64
CA HIS A 235 23.89 -21.94 15.45
C HIS A 235 24.57 -21.46 14.18
N PHE A 236 24.90 -20.17 14.08
CA PHE A 236 25.50 -19.66 12.84
C PHE A 236 26.96 -20.09 12.71
N VAL A 237 27.66 -20.18 13.83
CA VAL A 237 29.01 -20.72 13.83
C VAL A 237 28.99 -22.20 13.49
N LEU A 238 28.13 -22.96 14.17
CA LEU A 238 28.04 -24.40 13.90
C LEU A 238 27.67 -24.66 12.44
N ALA A 239 26.77 -23.82 11.90
CA ALA A 239 26.37 -23.96 10.51
C ALA A 239 27.56 -23.78 9.57
N ASN A 240 28.34 -22.69 9.77
CA ASN A 240 29.49 -22.50 8.90
C ASN A 240 30.56 -23.58 9.10
N ASN A 241 30.74 -24.07 10.33
CA ASN A 241 31.65 -25.20 10.53
C ASN A 241 31.21 -26.41 9.73
N PHE A 242 29.91 -26.70 9.74
CA PHE A 242 29.39 -27.82 8.96
C PHE A 242 29.67 -27.61 7.48
N LEU A 243 29.36 -26.41 6.97
CA LEU A 243 29.56 -26.14 5.55
C LEU A 243 31.02 -26.30 5.17
N ARG A 244 31.93 -25.82 6.02
CA ARG A 244 33.35 -25.98 5.74
C ARG A 244 33.75 -27.45 5.71
N GLU A 245 33.24 -28.22 6.68
CA GLU A 245 33.54 -29.65 6.73
C GLU A 245 33.06 -30.38 5.47
N LYS A 246 31.93 -29.95 4.90
CA LYS A 246 31.39 -30.61 3.72
C LYS A 246 31.93 -30.01 2.41
N GLY A 247 32.90 -29.10 2.50
CA GLY A 247 33.51 -28.51 1.32
C GLY A 247 32.66 -27.48 0.61
N LEU A 248 31.70 -26.88 1.31
CA LEU A 248 30.84 -25.85 0.73
C LEU A 248 31.31 -24.47 1.18
N GLY A 249 31.01 -23.46 0.38
CA GLY A 249 31.34 -22.10 0.76
C GLY A 249 30.52 -21.66 1.97
N GLU A 250 31.20 -21.03 2.92
CA GLU A 250 30.53 -20.55 4.12
C GLU A 250 29.68 -19.33 3.83
N ILE A 251 28.72 -19.09 4.72
CA ILE A 251 27.85 -17.92 4.60
C ILE A 251 28.57 -16.73 5.22
N ASP A 252 28.55 -15.59 4.53
CA ASP A 252 28.93 -14.32 5.12
C ASP A 252 27.65 -13.73 5.71
N TRP A 253 27.51 -13.81 7.03
CA TRP A 253 26.29 -13.39 7.72
C TRP A 253 26.16 -11.89 7.84
N ARG A 254 27.15 -11.11 7.39
CA ARG A 254 27.14 -9.68 7.66
C ARG A 254 26.06 -8.97 6.85
N LEU A 255 25.46 -7.95 7.46
CA LEU A 255 24.38 -7.21 6.82
C LEU A 255 24.66 -5.71 6.83
N ASN B 27 -33.75 28.21 -20.78
CA ASN B 27 -32.88 27.18 -21.33
C ASN B 27 -31.86 26.71 -20.30
N LEU B 28 -32.01 25.47 -19.84
CA LEU B 28 -31.12 24.87 -18.86
C LEU B 28 -30.00 24.06 -19.50
N LEU B 29 -29.87 24.10 -20.83
CA LEU B 29 -28.75 23.56 -21.59
C LEU B 29 -28.68 22.04 -21.59
N LEU B 30 -29.40 21.41 -20.74
CA LEU B 30 -29.39 19.96 -20.76
C LEU B 30 -30.43 19.43 -21.74
N PRO B 31 -30.22 18.25 -22.32
CA PRO B 31 -31.30 17.64 -23.10
C PRO B 31 -32.51 17.37 -22.20
N ASP B 32 -33.68 17.32 -22.83
CA ASP B 32 -34.92 17.20 -22.07
C ASP B 32 -34.96 15.92 -21.25
N LEU B 33 -34.46 14.81 -21.81
CA LEU B 33 -34.45 13.56 -21.05
C LEU B 33 -33.59 13.69 -19.80
N TRP B 34 -32.49 14.42 -19.88
CA TRP B 34 -31.64 14.61 -18.71
C TRP B 34 -32.32 15.49 -17.67
N LEU B 35 -32.99 16.55 -18.12
CA LEU B 35 -33.75 17.41 -17.20
C LEU B 35 -34.84 16.61 -16.50
N ASP B 36 -35.58 15.79 -17.25
CA ASP B 36 -36.59 14.93 -16.62
C ASP B 36 -35.95 13.99 -15.62
N PHE B 37 -34.82 13.39 -16.00
CA PHE B 37 -34.18 12.39 -15.13
C PHE B 37 -33.73 13.02 -13.81
N LEU B 38 -33.27 14.27 -13.85
CA LEU B 38 -32.73 14.88 -12.64
C LEU B 38 -33.82 15.29 -11.67
N GLN B 39 -35.08 15.37 -12.13
CA GLN B 39 -36.23 15.67 -11.28
C GLN B 39 -36.02 16.97 -10.49
N LEU B 40 -35.61 18.01 -11.21
CA LEU B 40 -35.31 19.27 -10.53
C LEU B 40 -36.61 19.93 -10.06
N SER B 41 -36.69 20.20 -8.77
CA SER B 41 -37.77 21.00 -8.23
C SER B 41 -37.72 22.42 -8.79
N PRO B 42 -38.80 23.20 -8.66
CA PRO B 42 -38.72 24.61 -9.06
C PRO B 42 -37.56 25.38 -8.44
N ILE B 43 -37.28 25.15 -7.15
CA ILE B 43 -36.16 25.83 -6.51
C ILE B 43 -34.84 25.37 -7.12
N PHE B 44 -34.73 24.08 -7.44
CA PHE B 44 -33.50 23.56 -8.04
C PHE B 44 -33.34 24.04 -9.47
N GLN B 45 -34.44 24.11 -10.22
CA GLN B 45 -34.38 24.71 -11.56
C GLN B 45 -33.94 26.16 -11.49
N ARG B 46 -34.42 26.91 -10.49
CA ARG B 46 -33.97 28.29 -10.37
C ARG B 46 -32.50 28.37 -10.00
N LYS B 47 -32.01 27.45 -9.16
CA LYS B 47 -30.59 27.46 -8.82
C LYS B 47 -29.73 27.18 -10.06
N LEU B 48 -30.13 26.19 -10.87
CA LEU B 48 -29.38 25.90 -12.09
C LEU B 48 -29.41 27.09 -13.04
N ALA B 49 -30.59 27.67 -13.26
CA ALA B 49 -30.71 28.86 -14.09
C ALA B 49 -29.83 30.00 -13.57
N ALA B 50 -29.71 30.12 -12.25
CA ALA B 50 -28.92 31.20 -11.67
C ALA B 50 -27.44 30.98 -11.94
N VAL B 51 -26.97 29.73 -11.86
CA VAL B 51 -25.58 29.48 -12.19
C VAL B 51 -25.32 29.75 -13.67
N ILE B 52 -26.24 29.30 -14.54
CA ILE B 52 -26.07 29.56 -15.97
C ILE B 52 -26.01 31.06 -16.24
N ALA B 53 -26.89 31.82 -15.58
CA ALA B 53 -26.90 33.28 -15.75
C ALA B 53 -25.62 33.91 -15.24
N CYS B 54 -25.12 33.44 -14.10
CA CYS B 54 -23.83 33.94 -13.60
C CYS B 54 -22.72 33.73 -14.62
N VAL B 55 -22.64 32.52 -15.18
CA VAL B 55 -21.62 32.25 -16.19
C VAL B 55 -21.79 33.17 -17.38
N ARG B 56 -23.04 33.37 -17.80
CA ARG B 56 -23.34 34.27 -18.89
C ARG B 56 -22.86 35.69 -18.59
N ARG B 57 -23.00 36.13 -17.33
CA ARG B 57 -22.49 37.45 -16.95
C ARG B 57 -20.97 37.48 -17.01
N LEU B 58 -20.31 36.44 -16.50
CA LEU B 58 -18.86 36.41 -16.47
C LEU B 58 -18.28 36.35 -17.88
N ARG B 59 -19.03 35.79 -18.82
CA ARG B 59 -18.55 35.68 -20.20
C ARG B 59 -18.41 37.05 -20.85
N THR B 60 -19.17 38.04 -20.38
CA THR B 60 -19.04 39.38 -20.92
C THR B 60 -17.82 40.10 -20.39
N GLN B 61 -17.21 39.58 -19.32
CA GLN B 61 -16.01 40.19 -18.75
C GLN B 61 -14.72 39.51 -19.20
N ALA B 62 -14.78 38.25 -19.64
CA ALA B 62 -13.58 37.51 -19.97
C ALA B 62 -13.98 36.27 -20.77
N THR B 63 -12.96 35.63 -21.36
CA THR B 63 -13.16 34.37 -22.06
C THR B 63 -13.34 33.25 -21.05
N VAL B 64 -14.39 32.46 -21.25
CA VAL B 64 -14.74 31.35 -20.35
C VAL B 64 -14.78 30.07 -21.17
N TYR B 65 -14.20 28.99 -20.61
CA TYR B 65 -14.16 27.69 -21.26
C TYR B 65 -14.97 26.66 -20.48
N PRO B 66 -15.64 25.72 -21.16
CA PRO B 66 -15.78 25.72 -22.62
C PRO B 66 -16.89 26.69 -23.05
N GLU B 67 -17.27 26.67 -24.32
CA GLU B 67 -18.41 27.46 -24.78
C GLU B 67 -19.67 27.02 -24.05
N GLU B 68 -20.66 27.94 -24.01
CA GLU B 68 -21.88 27.65 -23.27
C GLU B 68 -22.56 26.38 -23.78
N ASP B 69 -22.65 26.22 -25.09
CA ASP B 69 -23.35 25.05 -25.62
C ASP B 69 -22.47 23.81 -25.62
N MET B 70 -21.31 23.87 -25.00
CA MET B 70 -20.46 22.70 -24.81
C MET B 70 -20.31 22.30 -23.35
N CYS B 71 -20.72 23.13 -22.40
CA CYS B 71 -20.47 22.81 -21.00
C CYS B 71 -21.33 21.65 -20.50
N MET B 72 -22.36 21.25 -21.25
CA MET B 72 -23.15 20.06 -20.95
C MET B 72 -22.86 18.92 -21.92
N ALA B 73 -21.73 18.98 -22.64
CA ALA B 73 -21.41 17.96 -23.62
C ALA B 73 -21.37 16.57 -23.01
N TRP B 74 -20.99 16.46 -21.73
CA TRP B 74 -20.99 15.18 -21.03
C TRP B 74 -22.35 14.50 -21.06
N ALA B 75 -23.43 15.24 -21.35
CA ALA B 75 -24.78 14.70 -21.42
C ALA B 75 -25.28 14.47 -22.84
N ARG B 76 -24.47 14.74 -23.86
CA ARG B 76 -24.96 14.80 -25.23
C ARG B 76 -24.72 13.53 -26.03
N PHE B 77 -24.17 12.47 -25.41
CA PHE B 77 -23.84 11.27 -26.15
C PHE B 77 -24.63 10.03 -25.73
N CYS B 78 -25.42 10.12 -24.65
CA CYS B 78 -26.22 8.98 -24.23
C CYS B 78 -27.34 9.48 -23.31
N ASP B 79 -28.33 8.62 -23.12
CA ASP B 79 -29.43 8.85 -22.18
C ASP B 79 -28.97 8.60 -20.75
N PRO B 80 -29.54 9.34 -19.78
CA PRO B 80 -29.10 9.16 -18.39
C PRO B 80 -29.31 7.76 -17.84
N SER B 81 -30.39 7.07 -18.26
CA SER B 81 -30.62 5.71 -17.78
C SER B 81 -29.54 4.74 -18.24
N ASP B 82 -28.77 5.09 -19.25
CA ASP B 82 -27.70 4.23 -19.75
C ASP B 82 -26.35 4.49 -19.07
N ILE B 83 -26.30 5.38 -18.10
CA ILE B 83 -25.03 5.68 -17.42
C ILE B 83 -24.61 4.45 -16.63
N LYS B 84 -23.39 3.96 -16.89
CA LYS B 84 -22.85 2.79 -16.21
C LYS B 84 -21.59 3.07 -15.43
N VAL B 85 -20.81 4.08 -15.82
CA VAL B 85 -19.56 4.44 -15.16
C VAL B 85 -19.54 5.95 -15.01
N VAL B 86 -19.20 6.42 -13.82
CA VAL B 86 -19.06 7.84 -13.54
C VAL B 86 -17.61 8.11 -13.19
N ILE B 87 -16.98 9.01 -13.95
CA ILE B 87 -15.61 9.45 -13.71
C ILE B 87 -15.63 10.94 -13.41
N LEU B 88 -15.04 11.33 -12.28
CA LEU B 88 -15.09 12.72 -11.84
C LEU B 88 -13.79 13.44 -12.19
N GLY B 89 -13.93 14.63 -12.79
CA GLY B 89 -12.85 15.58 -12.90
C GLY B 89 -13.09 16.76 -11.97
N GLN B 90 -12.18 17.72 -12.04
CA GLN B 90 -12.32 18.92 -11.23
C GLN B 90 -12.91 20.06 -12.06
N ASP B 91 -12.06 20.94 -12.60
CA ASP B 91 -12.63 21.95 -13.47
C ASP B 91 -12.06 21.81 -14.87
N PRO B 92 -12.65 22.45 -15.89
CA PRO B 92 -12.16 22.24 -17.25
C PRO B 92 -10.76 22.79 -17.46
N TYR B 93 -10.10 22.29 -18.51
CA TYR B 93 -8.87 22.89 -18.98
C TYR B 93 -9.11 24.35 -19.33
N HIS B 94 -8.11 25.19 -19.07
CA HIS B 94 -8.29 26.63 -19.14
C HIS B 94 -7.50 27.28 -20.27
N GLY B 95 -7.12 26.50 -21.29
CA GLY B 95 -6.35 27.05 -22.39
C GLY B 95 -6.98 26.83 -23.74
N GLY B 96 -8.28 26.50 -23.77
CA GLY B 96 -8.99 26.29 -25.02
C GLY B 96 -9.11 24.86 -25.48
N GLN B 97 -8.53 23.89 -24.75
CA GLN B 97 -8.60 22.49 -25.17
C GLN B 97 -9.79 21.75 -24.55
N ALA B 98 -10.51 22.35 -23.60
CA ALA B 98 -11.63 21.65 -22.98
C ALA B 98 -12.75 21.45 -23.99
N ASN B 99 -13.43 20.31 -23.89
CA ASN B 99 -14.55 20.00 -24.79
C ASN B 99 -15.81 19.61 -24.04
N GLY B 100 -15.92 19.97 -22.76
CA GLY B 100 -17.12 19.65 -22.00
C GLY B 100 -17.13 18.27 -21.36
N LEU B 101 -16.09 17.47 -21.54
CA LEU B 101 -15.94 16.21 -20.84
C LEU B 101 -14.75 16.31 -19.90
N ALA B 102 -14.82 15.61 -18.76
CA ALA B 102 -13.67 15.54 -17.89
C ALA B 102 -12.51 14.83 -18.59
N PHE B 103 -11.30 15.35 -18.40
CA PHE B 103 -10.05 14.75 -18.87
C PHE B 103 -9.86 14.80 -20.39
N SER B 104 -10.94 14.76 -21.16
CA SER B 104 -10.84 14.77 -22.61
C SER B 104 -10.41 16.14 -23.14
N VAL B 105 -9.77 16.14 -24.31
CA VAL B 105 -9.50 17.37 -25.05
C VAL B 105 -9.98 17.21 -26.49
N ALA B 106 -10.26 18.36 -27.11
CA ALA B 106 -10.76 18.38 -28.48
C ALA B 106 -9.71 17.84 -29.45
N TYR B 107 -10.18 17.40 -30.62
CA TYR B 107 -9.29 16.88 -31.63
C TYR B 107 -8.28 17.93 -32.07
N GLY B 108 -7.05 17.48 -32.32
CA GLY B 108 -5.96 18.36 -32.68
C GLY B 108 -5.12 18.84 -31.52
N PHE B 109 -5.62 18.72 -30.29
CA PHE B 109 -4.85 19.15 -29.14
C PHE B 109 -3.98 18.01 -28.61
N PRO B 110 -2.78 18.32 -28.12
CA PRO B 110 -1.94 17.28 -27.49
C PRO B 110 -2.67 16.64 -26.31
N VAL B 111 -2.37 15.37 -26.08
CA VAL B 111 -3.02 14.61 -25.01
C VAL B 111 -2.46 15.07 -23.68
N PRO B 112 -3.31 15.50 -22.75
CA PRO B 112 -2.81 16.01 -21.46
C PRO B 112 -2.20 14.91 -20.62
N PRO B 113 -1.40 15.26 -19.62
CA PRO B 113 -0.63 14.24 -18.88
C PRO B 113 -1.50 13.23 -18.14
N SER B 114 -2.55 13.71 -17.47
CA SER B 114 -3.45 12.80 -16.77
C SER B 114 -4.12 11.83 -17.73
N LEU B 115 -4.47 12.31 -18.93
CA LEU B 115 -5.12 11.43 -19.89
C LEU B 115 -4.12 10.41 -20.42
N ARG B 116 -2.87 10.82 -20.63
CA ARG B 116 -1.81 9.87 -20.99
C ARG B 116 -1.70 8.76 -19.95
N ASN B 117 -1.71 9.12 -18.66
CA ASN B 117 -1.59 8.11 -17.62
C ASN B 117 -2.84 7.24 -17.52
N ILE B 118 -4.02 7.80 -17.82
CA ILE B 118 -5.23 7.00 -17.94
C ILE B 118 -5.07 5.96 -19.05
N TYR B 119 -4.61 6.40 -20.22
CA TYR B 119 -4.34 5.48 -21.32
C TYR B 119 -3.35 4.39 -20.90
N ALA B 120 -2.29 4.78 -20.19
CA ALA B 120 -1.28 3.81 -19.79
C ALA B 120 -1.84 2.76 -18.85
N GLU B 121 -2.69 3.18 -17.90
CA GLU B 121 -3.32 2.22 -17.01
C GLU B 121 -4.30 1.32 -17.76
N LEU B 122 -5.01 1.88 -18.74
CA LEU B 122 -5.89 1.05 -19.57
C LEU B 122 -5.10 -0.01 -20.32
N HIS B 123 -3.99 0.38 -20.94
CA HIS B 123 -3.18 -0.58 -21.69
C HIS B 123 -2.58 -1.62 -20.77
N ARG B 124 -2.14 -1.21 -19.58
CA ARG B 124 -1.60 -2.18 -18.62
C ARG B 124 -2.66 -3.21 -18.24
N SER B 125 -3.87 -2.74 -17.91
CA SER B 125 -4.88 -3.66 -17.40
C SER B 125 -5.61 -4.39 -18.52
N LEU B 126 -5.65 -3.79 -19.71
CA LEU B 126 -6.34 -4.36 -20.86
C LEU B 126 -5.41 -4.24 -22.06
N PRO B 127 -4.62 -5.28 -22.35
CA PRO B 127 -3.63 -5.19 -23.43
C PRO B 127 -4.24 -4.89 -24.80
N GLU B 128 -5.49 -5.27 -25.04
CA GLU B 128 -6.10 -4.96 -26.33
C GLU B 128 -6.46 -3.49 -26.48
N PHE B 129 -6.33 -2.69 -25.42
CA PHE B 129 -6.48 -1.25 -25.54
C PHE B 129 -5.14 -0.67 -25.99
N SER B 130 -5.16 0.05 -27.10
CA SER B 130 -3.96 0.70 -27.60
C SER B 130 -4.13 2.21 -27.45
N PRO B 131 -3.24 2.89 -26.73
CA PRO B 131 -3.43 4.33 -26.50
C PRO B 131 -3.52 5.09 -27.80
N PRO B 132 -4.57 5.88 -27.98
CA PRO B 132 -4.74 6.61 -29.25
C PRO B 132 -3.84 7.83 -29.30
N ASP B 133 -3.85 8.47 -30.47
CA ASP B 133 -3.08 9.69 -30.69
C ASP B 133 -3.91 10.94 -30.44
N HIS B 134 -5.10 10.79 -29.85
CA HIS B 134 -6.01 11.91 -29.62
C HIS B 134 -6.55 11.80 -28.20
N GLY B 135 -7.22 12.86 -27.74
CA GLY B 135 -7.80 12.84 -26.42
C GLY B 135 -9.32 12.92 -26.39
N CYS B 136 -9.98 12.50 -27.46
CA CYS B 136 -11.43 12.58 -27.56
C CYS B 136 -12.07 11.35 -26.94
N LEU B 137 -12.82 11.56 -25.86
CA LEU B 137 -13.46 10.47 -25.12
C LEU B 137 -14.96 10.38 -25.41
N ASP B 138 -15.41 10.96 -26.52
CA ASP B 138 -16.83 10.92 -26.87
C ASP B 138 -17.36 9.48 -26.93
N ALA B 139 -16.55 8.54 -27.41
CA ALA B 139 -17.00 7.14 -27.54
C ALA B 139 -17.35 6.53 -26.17
N TRP B 140 -16.56 6.84 -25.14
CA TRP B 140 -16.91 6.40 -23.79
C TRP B 140 -18.27 6.97 -23.37
N ALA B 141 -18.46 8.28 -23.54
CA ALA B 141 -19.73 8.90 -23.18
C ALA B 141 -20.87 8.26 -23.96
N SER B 142 -20.61 7.89 -25.21
CA SER B 142 -21.63 7.25 -26.03
C SER B 142 -21.98 5.87 -25.49
N GLN B 143 -21.07 5.23 -24.77
CA GLN B 143 -21.38 3.95 -24.16
C GLN B 143 -21.91 4.06 -22.73
N GLY B 144 -22.18 5.27 -22.24
CA GLY B 144 -22.64 5.43 -20.88
C GLY B 144 -21.57 5.73 -19.85
N VAL B 145 -20.42 6.26 -20.25
CA VAL B 145 -19.42 6.73 -19.30
C VAL B 145 -19.63 8.22 -19.09
N LEU B 146 -19.96 8.61 -17.86
CA LEU B 146 -20.18 10.01 -17.51
C LEU B 146 -18.84 10.63 -17.12
N LEU B 147 -18.36 11.56 -17.93
CA LEU B 147 -17.09 12.25 -17.68
C LEU B 147 -17.43 13.63 -17.14
N LEU B 148 -17.63 13.69 -15.82
CA LEU B 148 -18.26 14.84 -15.18
C LEU B 148 -17.21 15.63 -14.40
N ASN B 149 -16.93 16.85 -14.86
CA ASN B 149 -16.20 17.80 -14.04
C ASN B 149 -17.13 18.35 -12.98
N THR B 150 -16.65 18.41 -11.73
CA THR B 150 -17.50 18.95 -10.67
C THR B 150 -17.72 20.44 -10.83
N ILE B 151 -16.77 21.15 -11.45
CA ILE B 151 -16.93 22.54 -11.87
C ILE B 151 -16.96 22.54 -13.39
N LEU B 152 -18.00 23.13 -13.98
CA LEU B 152 -18.22 22.96 -15.40
C LEU B 152 -17.68 24.10 -16.27
N THR B 153 -17.22 25.19 -15.67
CA THR B 153 -16.62 26.28 -16.44
C THR B 153 -15.37 26.79 -15.74
N VAL B 154 -14.57 27.54 -16.48
CA VAL B 154 -13.36 28.16 -15.95
C VAL B 154 -13.03 29.37 -16.82
N GLN B 155 -12.55 30.43 -16.19
CA GLN B 155 -12.06 31.57 -16.96
C GLN B 155 -10.71 31.24 -17.56
N LYS B 156 -10.49 31.69 -18.79
CA LYS B 156 -9.25 31.45 -19.50
C LYS B 156 -8.04 31.77 -18.64
N GLY B 157 -7.13 30.81 -18.53
CA GLY B 157 -5.88 31.00 -17.83
C GLY B 157 -5.96 31.05 -16.33
N LYS B 158 -7.13 30.91 -15.72
CA LYS B 158 -7.29 31.02 -14.27
C LYS B 158 -7.97 29.77 -13.73
N PRO B 159 -7.19 28.72 -13.45
CA PRO B 159 -7.78 27.49 -12.92
C PRO B 159 -8.43 27.71 -11.57
N GLY B 160 -9.59 27.07 -11.37
CA GLY B 160 -10.33 27.21 -10.14
C GLY B 160 -11.13 28.49 -10.01
N SER B 161 -11.13 29.34 -11.05
CA SER B 161 -11.78 30.65 -10.95
C SER B 161 -13.29 30.56 -10.80
N HIS B 162 -13.91 29.45 -11.21
CA HIS B 162 -15.35 29.29 -11.09
C HIS B 162 -15.73 28.24 -10.04
N ALA B 163 -14.84 27.96 -9.09
CA ALA B 163 -15.12 26.93 -8.10
C ALA B 163 -16.29 27.29 -7.18
N ASP B 164 -16.64 28.56 -7.05
CA ASP B 164 -17.63 28.99 -6.07
C ASP B 164 -18.82 29.71 -6.70
N ILE B 165 -19.08 29.51 -8.00
CA ILE B 165 -20.19 30.22 -8.63
C ILE B 165 -21.48 29.42 -8.62
N GLY B 166 -21.48 28.20 -8.08
CA GLY B 166 -22.69 27.40 -7.94
C GLY B 166 -22.70 26.08 -8.68
N TRP B 167 -21.65 25.72 -9.44
CA TRP B 167 -21.65 24.42 -10.09
C TRP B 167 -21.64 23.27 -9.11
N ALA B 168 -21.00 23.46 -7.94
CA ALA B 168 -20.79 22.35 -7.02
C ALA B 168 -22.11 21.74 -6.55
N TRP B 169 -23.11 22.58 -6.26
CA TRP B 169 -24.43 22.06 -5.91
C TRP B 169 -24.99 21.21 -7.05
N PHE B 170 -24.85 21.69 -8.29
CA PHE B 170 -25.46 21.01 -9.42
C PHE B 170 -24.80 19.65 -9.65
N THR B 171 -23.47 19.62 -9.70
CA THR B 171 -22.81 18.34 -9.97
C THR B 171 -22.94 17.38 -8.79
N ASP B 172 -22.93 17.89 -7.55
CA ASP B 172 -23.30 17.06 -6.41
C ASP B 172 -24.67 16.43 -6.61
N HIS B 173 -25.65 17.23 -7.04
CA HIS B 173 -27.00 16.74 -7.27
C HIS B 173 -27.03 15.68 -8.35
N VAL B 174 -26.27 15.90 -9.44
CA VAL B 174 -26.20 14.91 -10.51
C VAL B 174 -25.66 13.58 -9.97
N ILE B 175 -24.59 13.64 -9.18
CA ILE B 175 -24.02 12.42 -8.60
C ILE B 175 -25.04 11.72 -7.71
N SER B 176 -25.67 12.49 -6.81
CA SER B 176 -26.67 11.92 -5.90
C SER B 176 -27.82 11.28 -6.67
N LEU B 177 -28.29 11.94 -7.72
CA LEU B 177 -29.44 11.43 -8.46
C LEU B 177 -29.07 10.18 -9.25
N LEU B 178 -27.87 10.13 -9.82
CA LEU B 178 -27.44 8.91 -10.47
C LEU B 178 -27.37 7.76 -9.48
N SER B 179 -26.78 8.02 -8.30
CA SER B 179 -26.70 6.99 -7.28
C SER B 179 -28.09 6.51 -6.88
N GLU B 180 -29.03 7.44 -6.74
CA GLU B 180 -30.37 7.10 -6.26
C GLU B 180 -31.16 6.35 -7.32
N ARG B 181 -31.13 6.81 -8.57
CA ARG B 181 -32.05 6.31 -9.60
C ARG B 181 -31.51 5.15 -10.40
N LEU B 182 -30.20 5.02 -10.55
CA LEU B 182 -29.64 3.90 -11.31
C LEU B 182 -29.59 2.67 -10.43
N LYS B 183 -29.90 1.52 -11.03
CA LYS B 183 -29.87 0.25 -10.29
C LYS B 183 -28.44 -0.14 -9.93
N ALA B 184 -27.50 0.03 -10.85
CA ALA B 184 -26.13 -0.39 -10.64
C ALA B 184 -25.23 0.47 -11.50
N CYS B 185 -24.20 1.06 -10.89
CA CYS B 185 -23.30 1.98 -11.57
C CYS B 185 -21.93 1.91 -10.93
N VAL B 186 -20.89 2.19 -11.72
CA VAL B 186 -19.52 2.28 -11.23
C VAL B 186 -19.13 3.73 -11.07
N PHE B 187 -18.46 4.06 -9.96
CA PHE B 187 -17.96 5.40 -9.70
C PHE B 187 -16.46 5.33 -9.47
N MET B 188 -15.69 6.04 -10.29
CA MET B 188 -14.23 6.07 -10.19
C MET B 188 -13.81 7.43 -9.64
N LEU B 189 -13.29 7.44 -8.41
CA LEU B 189 -12.90 8.65 -7.72
C LEU B 189 -11.38 8.67 -7.56
N TRP B 190 -10.71 9.51 -8.33
CA TRP B 190 -9.25 9.56 -8.36
C TRP B 190 -8.79 10.83 -7.65
N GLY B 191 -8.03 10.67 -6.57
CA GLY B 191 -7.53 11.80 -5.82
C GLY B 191 -8.46 12.23 -4.71
N ALA B 192 -7.98 13.21 -3.93
CA ALA B 192 -8.69 13.64 -2.73
C ALA B 192 -9.98 14.36 -3.07
N LYS B 193 -9.93 15.29 -4.03
CA LYS B 193 -11.12 16.07 -4.38
C LYS B 193 -12.25 15.16 -4.83
N ALA B 194 -11.97 14.27 -5.79
CA ALA B 194 -12.99 13.33 -6.23
C ALA B 194 -13.40 12.39 -5.11
N GLY B 195 -12.44 11.94 -4.30
CA GLY B 195 -12.75 11.07 -3.18
C GLY B 195 -13.70 11.70 -2.18
N ASP B 196 -13.72 13.03 -2.11
CA ASP B 196 -14.66 13.71 -1.20
C ASP B 196 -16.10 13.46 -1.58
N LYS B 197 -16.39 13.03 -2.81
CA LYS B 197 -17.75 12.81 -3.26
C LYS B 197 -18.27 11.43 -2.90
N ALA B 198 -17.44 10.56 -2.31
CA ALA B 198 -17.86 9.21 -1.99
C ALA B 198 -19.10 9.19 -1.09
N SER B 199 -19.23 10.17 -0.19
CA SER B 199 -20.35 10.23 0.72
C SER B 199 -21.68 10.48 0.02
N LEU B 200 -21.64 10.85 -1.27
CA LEU B 200 -22.86 11.04 -2.05
C LEU B 200 -23.38 9.74 -2.65
N ILE B 201 -22.58 8.68 -2.66
CA ILE B 201 -22.84 7.48 -3.45
C ILE B 201 -23.21 6.33 -2.51
N ASN B 202 -24.26 5.61 -2.86
CA ASN B 202 -24.70 4.43 -2.11
C ASN B 202 -23.77 3.28 -2.50
N SER B 203 -22.76 3.02 -1.66
CA SER B 203 -21.77 1.99 -1.96
C SER B 203 -22.29 0.58 -1.72
N LYS B 204 -23.54 0.42 -1.31
CA LYS B 204 -24.17 -0.90 -1.28
C LYS B 204 -24.75 -1.28 -2.63
N LYS B 205 -25.40 -0.33 -3.31
CA LYS B 205 -25.85 -0.53 -4.68
C LYS B 205 -24.68 -0.50 -5.65
N HIS B 206 -23.77 0.45 -5.48
CA HIS B 206 -22.83 0.83 -6.53
C HIS B 206 -21.40 0.46 -6.13
N LEU B 207 -20.57 0.24 -7.13
CA LEU B 207 -19.15 -0.01 -6.95
C LEU B 207 -18.42 1.32 -6.94
N VAL B 208 -17.76 1.63 -5.82
CA VAL B 208 -16.98 2.85 -5.70
C VAL B 208 -15.50 2.46 -5.74
N LEU B 209 -14.83 2.85 -6.81
CA LEU B 209 -13.41 2.59 -7.00
C LEU B 209 -12.64 3.87 -6.68
N THR B 210 -11.63 3.75 -5.82
CA THR B 210 -10.82 4.88 -5.42
C THR B 210 -9.35 4.57 -5.64
N SER B 211 -8.58 5.61 -5.92
CA SER B 211 -7.14 5.53 -6.05
C SER B 211 -6.60 6.96 -6.04
N GLN B 212 -5.28 7.09 -6.10
CA GLN B 212 -4.66 8.39 -6.29
C GLN B 212 -4.97 8.94 -7.68
N HIS B 213 -4.72 10.23 -7.84
CA HIS B 213 -4.99 10.91 -9.08
C HIS B 213 -4.04 10.43 -10.18
N PRO B 214 -4.50 10.41 -11.44
CA PRO B 214 -3.61 10.02 -12.55
C PRO B 214 -2.53 11.03 -12.89
N SER B 215 -2.51 12.20 -12.26
CA SER B 215 -1.52 13.22 -12.58
C SER B 215 -0.12 12.63 -12.52
N PRO B 216 0.78 13.04 -13.41
CA PRO B 216 2.19 12.64 -13.26
C PRO B 216 2.81 13.13 -11.97
N LEU B 217 2.27 14.21 -11.38
CA LEU B 217 2.78 14.70 -10.11
C LEU B 217 2.59 13.68 -9.01
N ALA B 218 1.48 12.94 -9.05
CA ALA B 218 1.17 11.92 -8.06
C ALA B 218 1.58 10.53 -8.50
N GLN B 219 2.30 10.41 -9.62
CA GLN B 219 2.47 9.12 -10.29
C GLN B 219 3.34 8.19 -9.45
N ASN B 220 4.63 8.48 -9.36
CA ASN B 220 5.50 7.81 -8.41
C ASN B 220 5.86 8.80 -7.31
N SER B 221 5.58 8.43 -6.07
CA SER B 221 5.68 9.35 -4.94
C SER B 221 6.15 8.57 -3.73
N THR B 222 5.26 8.36 -2.76
CA THR B 222 5.63 7.74 -1.49
C THR B 222 4.97 6.37 -1.42
N ARG B 223 5.79 5.35 -1.13
CA ARG B 223 5.28 4.02 -0.82
C ARG B 223 4.79 3.96 0.63
N LYS B 224 3.84 4.85 0.92
CA LYS B 224 3.30 5.00 2.27
C LYS B 224 1.87 5.48 2.16
N SER B 225 1.60 6.36 1.18
CA SER B 225 0.27 6.87 0.86
C SER B 225 -0.78 5.79 0.98
N ALA B 226 -1.67 5.95 1.98
CA ALA B 226 -2.72 4.95 2.25
C ALA B 226 -3.48 4.54 1.00
N GLN B 227 -3.63 5.44 0.03
CA GLN B 227 -4.38 5.09 -1.17
C GLN B 227 -3.49 4.38 -2.20
N GLN B 228 -4.12 3.51 -2.97
CA GLN B 228 -3.45 2.83 -4.08
C GLN B 228 -3.07 3.84 -5.15
N LYS B 229 -1.91 3.61 -5.79
CA LYS B 229 -1.49 4.46 -6.89
C LYS B 229 -2.39 4.27 -8.10
N PHE B 230 -2.46 5.28 -8.96
CA PHE B 230 -3.30 5.19 -10.15
C PHE B 230 -2.87 4.04 -11.05
N LEU B 231 -1.63 4.07 -11.52
CA LEU B 231 -1.12 2.97 -12.32
C LEU B 231 -1.12 1.69 -11.50
N GLY B 232 -1.88 0.70 -11.97
CA GLY B 232 -2.09 -0.52 -11.21
C GLY B 232 -3.40 -0.60 -10.46
N ASN B 233 -4.25 0.44 -10.53
CA ASN B 233 -5.48 0.39 -9.76
C ASN B 233 -6.52 -0.56 -10.35
N ASN B 234 -6.39 -0.91 -11.64
CA ASN B 234 -7.22 -1.93 -12.28
C ASN B 234 -8.69 -1.50 -12.36
N HIS B 235 -8.96 -0.19 -12.35
CA HIS B 235 -10.34 0.28 -12.21
C HIS B 235 -11.19 -0.07 -13.43
N PHE B 236 -10.61 -0.08 -14.63
CA PHE B 236 -11.42 -0.33 -15.81
C PHE B 236 -11.79 -1.81 -15.93
N VAL B 237 -10.88 -2.69 -15.51
CA VAL B 237 -11.19 -4.12 -15.44
C VAL B 237 -12.25 -4.37 -14.37
N LEU B 238 -12.03 -3.85 -13.16
CA LEU B 238 -13.00 -4.04 -12.08
C LEU B 238 -14.37 -3.49 -12.47
N ALA B 239 -14.39 -2.34 -13.14
CA ALA B 239 -15.64 -1.75 -13.58
C ALA B 239 -16.37 -2.68 -14.53
N ASN B 240 -15.66 -3.19 -15.56
CA ASN B 240 -16.32 -4.08 -16.49
C ASN B 240 -16.75 -5.39 -15.82
N ASN B 241 -15.98 -5.88 -14.86
CA ASN B 241 -16.40 -7.06 -14.11
C ASN B 241 -17.70 -6.81 -13.36
N PHE B 242 -17.81 -5.64 -12.72
CA PHE B 242 -19.04 -5.30 -12.02
C PHE B 242 -20.21 -5.20 -12.99
N LEU B 243 -20.00 -4.55 -14.13
CA LEU B 243 -21.08 -4.41 -15.12
C LEU B 243 -21.55 -5.78 -15.60
N ARG B 244 -20.60 -6.68 -15.88
CA ARG B 244 -20.95 -8.02 -16.30
C ARG B 244 -21.71 -8.75 -15.22
N GLU B 245 -21.28 -8.62 -13.96
CA GLU B 245 -22.00 -9.25 -12.86
C GLU B 245 -23.44 -8.76 -12.76
N LYS B 246 -23.67 -7.48 -13.05
CA LYS B 246 -25.00 -6.88 -12.94
C LYS B 246 -25.84 -7.02 -14.20
N GLY B 247 -25.36 -7.76 -15.19
CA GLY B 247 -26.11 -7.96 -16.41
C GLY B 247 -26.17 -6.75 -17.31
N LEU B 248 -25.25 -5.82 -17.14
CA LEU B 248 -25.18 -4.61 -17.95
C LEU B 248 -24.08 -4.79 -18.98
N GLY B 249 -24.24 -4.11 -20.13
CA GLY B 249 -23.22 -4.20 -21.15
C GLY B 249 -21.91 -3.60 -20.68
N GLU B 250 -20.81 -4.30 -20.97
CA GLU B 250 -19.49 -3.80 -20.63
C GLU B 250 -19.09 -2.67 -21.58
N ILE B 251 -18.14 -1.86 -21.13
CA ILE B 251 -17.60 -0.78 -21.95
C ILE B 251 -16.51 -1.34 -22.84
N ASP B 252 -16.57 -1.01 -24.13
CA ASP B 252 -15.44 -1.23 -25.03
C ASP B 252 -14.63 0.07 -25.01
N TRP B 253 -13.53 0.05 -24.27
CA TRP B 253 -12.74 1.26 -23.99
C TRP B 253 -11.93 1.73 -25.20
N ARG B 254 -11.94 1.00 -26.31
CA ARG B 254 -11.03 1.32 -27.40
C ARG B 254 -11.39 2.65 -28.04
N LEU B 255 -10.36 3.38 -28.46
CA LEU B 255 -10.54 4.69 -29.08
C LEU B 255 -9.83 4.75 -30.43
N MET C 1 -9.73 -5.05 18.89
CA MET C 1 -8.59 -4.13 18.88
C MET C 1 -8.60 -3.20 20.10
N THR C 2 -9.64 -3.35 20.94
CA THR C 2 -9.77 -2.52 22.12
C THR C 2 -8.60 -2.71 23.07
N LEU C 3 -8.22 -3.96 23.30
CA LEU C 3 -7.19 -4.28 24.29
C LEU C 3 -5.83 -3.75 23.85
N GLU C 4 -5.49 -3.92 22.57
CA GLU C 4 -4.23 -3.37 22.06
C GLU C 4 -4.18 -1.85 22.21
N LEU C 5 -5.32 -1.18 22.01
CA LEU C 5 -5.35 0.28 22.14
C LEU C 5 -5.20 0.70 23.61
N GLN C 6 -5.83 -0.05 24.52
CA GLN C 6 -5.68 0.23 25.94
C GLN C 6 -4.23 0.03 26.38
N LEU C 7 -3.59 -1.05 25.93
CA LEU C 7 -2.19 -1.29 26.26
C LEU C 7 -1.30 -0.19 25.70
N LYS C 8 -1.54 0.23 24.45
CA LYS C 8 -0.72 1.29 23.88
C LYS C 8 -0.88 2.59 24.67
N HIS C 9 -2.12 2.94 25.01
CA HIS C 9 -2.35 4.14 25.83
C HIS C 9 -1.61 4.05 27.16
N TYR C 10 -1.72 2.90 27.84
CA TYR C 10 -1.06 2.72 29.13
C TYR C 10 0.45 2.84 29.00
N ILE C 11 1.04 2.20 27.98
CA ILE C 11 2.49 2.16 27.87
C ILE C 11 3.03 3.53 27.47
N THR C 12 2.40 4.18 26.49
CA THR C 12 2.86 5.51 26.09
C THR C 12 2.69 6.53 27.21
N ASN C 13 1.68 6.37 28.09
CA ASN C 13 1.59 7.26 29.24
C ASN C 13 2.65 6.94 30.28
N LEU C 14 2.86 5.66 30.57
CA LEU C 14 3.83 5.27 31.59
C LEU C 14 5.25 5.68 31.21
N PHE C 15 5.62 5.52 29.94
CA PHE C 15 6.98 5.79 29.50
C PHE C 15 7.11 7.09 28.73
N ASN C 16 6.07 7.92 28.73
CA ASN C 16 6.07 9.22 28.04
C ASN C 16 6.59 9.08 26.61
N LEU C 17 5.90 8.24 25.84
CA LEU C 17 6.21 8.00 24.44
C LEU C 17 5.22 8.72 23.54
N PRO C 18 5.60 9.03 22.30
CA PRO C 18 4.68 9.72 21.38
C PRO C 18 3.41 8.92 21.17
N LYS C 19 2.27 9.55 21.45
CA LYS C 19 0.98 8.87 21.34
C LYS C 19 0.65 8.50 19.91
N ASP C 20 1.20 9.19 18.93
CA ASP C 20 0.84 9.01 17.53
C ASP C 20 1.83 8.12 16.78
N GLU C 21 2.88 7.65 17.43
CA GLU C 21 3.81 6.73 16.76
C GLU C 21 3.12 5.40 16.51
N LYS C 22 3.27 4.88 15.29
CA LYS C 22 2.66 3.61 14.95
C LYS C 22 3.40 2.46 15.63
N TRP C 23 2.63 1.56 16.23
CA TRP C 23 3.16 0.32 16.78
C TRP C 23 2.99 -0.79 15.75
N GLU C 24 4.01 -1.62 15.61
CA GLU C 24 3.88 -2.83 14.81
C GLU C 24 3.89 -4.04 15.72
N CYS C 25 3.47 -5.18 15.17
CA CYS C 25 3.27 -6.39 15.97
C CYS C 25 4.00 -7.57 15.34
N GLU C 26 4.66 -8.35 16.20
CA GLU C 26 5.19 -9.67 15.85
C GLU C 26 4.39 -10.73 16.59
N SER C 27 3.87 -11.71 15.84
CA SER C 27 3.09 -12.80 16.41
C SER C 27 3.74 -14.15 16.14
N ILE C 28 3.95 -14.92 17.22
CA ILE C 28 4.45 -16.30 17.12
C ILE C 28 3.69 -17.14 18.13
N GLU C 29 3.54 -18.42 17.82
CA GLU C 29 3.00 -19.40 18.76
C GLU C 29 4.13 -20.11 19.49
N GLU C 30 3.93 -20.33 20.78
CA GLU C 30 4.94 -21.02 21.58
C GLU C 30 4.29 -21.55 22.85
N ILE C 31 4.83 -22.64 23.39
CA ILE C 31 4.26 -23.20 24.61
C ILE C 31 4.48 -22.25 25.78
N ALA C 32 3.52 -22.24 26.70
CA ALA C 32 3.56 -21.30 27.82
C ALA C 32 4.80 -21.49 28.68
N ASP C 33 5.29 -22.72 28.78
CA ASP C 33 6.43 -23.01 29.64
C ASP C 33 7.68 -22.23 29.25
N ASP C 34 7.81 -21.87 27.97
CA ASP C 34 9.00 -21.16 27.51
C ASP C 34 8.88 -19.63 27.59
N ILE C 35 7.69 -19.09 27.82
CA ILE C 35 7.49 -17.65 27.73
C ILE C 35 6.94 -17.04 29.00
N LEU C 36 6.47 -17.84 29.97
CA LEU C 36 5.95 -17.27 31.20
C LEU C 36 6.85 -17.66 32.39
N PRO C 37 6.87 -16.84 33.44
CA PRO C 37 7.66 -17.21 34.62
C PRO C 37 7.24 -18.56 35.19
N ASP C 38 8.22 -19.26 35.76
CA ASP C 38 8.01 -20.64 36.21
C ASP C 38 6.86 -20.75 37.20
N GLN C 39 6.72 -19.76 38.08
CA GLN C 39 5.69 -19.82 39.12
C GLN C 39 4.28 -19.78 38.56
N TYR C 40 4.10 -19.34 37.32
CA TYR C 40 2.78 -19.17 36.74
C TYR C 40 2.43 -20.27 35.75
N VAL C 41 3.24 -21.33 35.68
CA VAL C 41 3.05 -22.40 34.71
C VAL C 41 2.93 -23.71 35.49
N ARG C 42 1.72 -24.25 35.57
CA ARG C 42 1.47 -25.40 36.44
C ARG C 42 0.75 -26.48 35.67
N LEU C 43 0.97 -27.72 36.10
CA LEU C 43 0.29 -28.87 35.54
C LEU C 43 -1.22 -28.72 35.70
N GLY C 44 -1.97 -29.06 34.65
CA GLY C 44 -3.40 -28.87 34.64
C GLY C 44 -3.85 -27.45 34.40
N ALA C 45 -2.93 -26.50 34.25
CA ALA C 45 -3.29 -25.12 33.97
C ALA C 45 -2.58 -24.66 32.70
N LEU C 46 -1.56 -23.81 32.82
CA LEU C 46 -0.91 -23.29 31.62
C LEU C 46 0.13 -24.26 31.05
N SER C 47 0.60 -25.23 31.83
CA SER C 47 1.70 -26.06 31.39
C SER C 47 1.34 -26.82 30.12
N ASN C 48 2.25 -26.78 29.14
CA ASN C 48 2.16 -27.50 27.87
C ASN C 48 1.05 -26.98 26.97
N LYS C 49 0.53 -25.78 27.21
CA LYS C 49 -0.44 -25.16 26.32
C LYS C 49 0.27 -24.19 25.37
N ILE C 50 -0.06 -24.29 24.09
CA ILE C 50 0.49 -23.40 23.08
C ILE C 50 -0.26 -22.08 23.14
N LEU C 51 0.47 -20.98 23.33
CA LEU C 51 -0.09 -19.65 23.35
C LEU C 51 0.17 -18.96 22.02
N GLN C 52 -0.82 -18.17 21.60
CA GLN C 52 -0.68 -17.21 20.50
C GLN C 52 -0.30 -15.87 21.10
N THR C 53 0.76 -15.26 20.57
CA THR C 53 1.36 -14.10 21.21
C THR C 53 1.38 -12.90 20.27
N TYR C 54 1.31 -11.72 20.87
CA TYR C 54 1.44 -10.43 20.18
C TYR C 54 2.46 -9.62 20.94
N THR C 55 3.58 -9.29 20.28
CA THR C 55 4.61 -8.44 20.88
C THR C 55 4.75 -7.19 20.04
N TYR C 56 4.62 -6.03 20.67
CA TYR C 56 4.60 -4.77 19.94
C TYR C 56 5.97 -4.12 19.97
N TYR C 57 6.29 -3.43 18.88
CA TYR C 57 7.60 -2.81 18.73
C TYR C 57 7.49 -1.56 17.87
N SER C 58 8.44 -0.67 18.08
CA SER C 58 8.58 0.60 17.36
C SER C 58 9.94 1.17 17.72
N ASP C 59 10.30 2.29 17.08
CA ASP C 59 11.59 2.91 17.35
C ASP C 59 11.72 3.33 18.82
N THR C 60 10.72 4.05 19.34
CA THR C 60 10.83 4.53 20.72
C THR C 60 10.64 3.40 21.72
N LEU C 61 9.85 2.37 21.36
CA LEU C 61 9.78 1.20 22.22
C LEU C 61 11.15 0.53 22.33
N HIS C 62 11.86 0.42 21.21
CA HIS C 62 13.20 -0.15 21.25
C HIS C 62 14.15 0.74 22.06
N GLU C 63 14.01 2.06 21.93
CA GLU C 63 14.83 2.98 22.72
C GLU C 63 14.57 2.80 24.21
N SER C 64 13.34 2.50 24.59
CA SER C 64 13.01 2.32 26.00
C SER C 64 13.34 0.92 26.52
N ASN C 65 13.71 -0.02 25.64
CA ASN C 65 14.01 -1.40 26.02
C ASN C 65 12.82 -2.10 26.67
N ILE C 66 11.63 -1.88 26.12
CA ILE C 66 10.42 -2.54 26.62
C ILE C 66 9.73 -3.24 25.46
N TYR C 67 9.07 -4.35 25.78
CA TYR C 67 8.29 -5.11 24.82
C TYR C 67 6.89 -5.32 25.37
N PRO C 68 5.92 -4.49 24.98
CA PRO C 68 4.53 -4.75 25.38
C PRO C 68 4.04 -6.01 24.69
N PHE C 69 3.19 -6.77 25.38
CA PHE C 69 2.72 -8.03 24.84
C PHE C 69 1.32 -8.35 25.32
N ILE C 70 0.64 -9.17 24.51
CA ILE C 70 -0.65 -9.75 24.83
C ILE C 70 -0.58 -11.24 24.44
N LEU C 71 -1.02 -12.11 25.33
CA LEU C 71 -1.01 -13.55 25.10
C LEU C 71 -2.43 -14.09 25.16
N TYR C 72 -2.73 -15.06 24.29
CA TYR C 72 -4.01 -15.74 24.21
C TYR C 72 -3.79 -17.25 24.16
N TYR C 73 -4.81 -17.98 24.62
CA TYR C 73 -4.91 -19.43 24.40
C TYR C 73 -6.25 -19.69 23.75
N GLN C 74 -6.23 -20.06 22.47
CA GLN C 74 -7.43 -20.10 21.62
C GLN C 74 -8.07 -18.72 21.69
N LYS C 75 -9.32 -18.58 22.10
CA LYS C 75 -9.93 -17.27 22.22
C LYS C 75 -9.85 -16.70 23.64
N GLN C 76 -9.17 -17.37 24.56
CA GLN C 76 -9.11 -16.93 25.95
C GLN C 76 -7.92 -16.00 26.16
N LEU C 77 -8.20 -14.80 26.66
CA LEU C 77 -7.13 -13.88 27.03
C LEU C 77 -6.31 -14.48 28.17
N ILE C 78 -4.99 -14.55 27.96
CA ILE C 78 -4.08 -15.13 28.93
C ILE C 78 -3.23 -14.08 29.61
N ALA C 79 -2.75 -13.08 28.89
CA ALA C 79 -1.88 -12.13 29.57
C ALA C 79 -1.87 -10.79 28.86
N ILE C 80 -1.72 -9.73 29.66
CA ILE C 80 -1.44 -8.38 29.19
C ILE C 80 -0.28 -7.86 30.02
N GLY C 81 0.75 -7.35 29.37
CA GLY C 81 1.85 -6.80 30.12
C GLY C 81 2.95 -6.26 29.24
N TYR C 82 4.14 -6.18 29.80
CA TYR C 82 5.30 -5.76 29.02
C TYR C 82 6.56 -6.31 29.67
N ILE C 83 7.57 -6.54 28.84
CA ILE C 83 8.90 -6.88 29.31
C ILE C 83 9.64 -5.57 29.51
N ASP C 84 10.27 -5.43 30.67
CA ASP C 84 10.83 -4.15 31.05
C ASP C 84 12.32 -4.08 30.70
N GLU C 85 12.98 -3.03 31.20
CA GLU C 85 14.38 -2.79 30.86
C GLU C 85 15.28 -3.91 31.39
N ASN C 86 14.93 -4.52 32.51
CA ASN C 86 15.69 -5.63 33.07
C ASN C 86 15.25 -6.98 32.51
N HIS C 87 14.48 -6.97 31.42
CA HIS C 87 13.90 -8.16 30.81
C HIS C 87 13.04 -8.96 31.79
N ASP C 88 12.40 -8.27 32.73
CA ASP C 88 11.43 -8.86 33.63
C ASP C 88 10.04 -8.62 33.08
N MET C 89 9.18 -9.64 33.16
CA MET C 89 7.82 -9.49 32.71
C MET C 89 6.99 -8.83 33.81
N ASP C 90 6.27 -7.78 33.43
CA ASP C 90 5.38 -7.06 34.33
C ASP C 90 3.96 -7.18 33.77
N PHE C 91 3.06 -7.74 34.56
CA PHE C 91 1.74 -8.11 34.07
C PHE C 91 0.71 -7.11 34.53
N LEU C 92 -0.10 -6.63 33.59
CA LEU C 92 -1.37 -5.99 33.92
C LEU C 92 -2.47 -7.02 34.09
N TYR C 93 -2.32 -8.20 33.47
CA TYR C 93 -3.32 -9.24 33.57
C TYR C 93 -2.66 -10.58 33.29
N LEU C 94 -3.06 -11.60 34.04
CA LEU C 94 -2.59 -12.96 33.83
C LEU C 94 -3.66 -13.93 34.30
N HIS C 95 -3.98 -14.87 33.41
CA HIS C 95 -5.02 -15.88 33.57
C HIS C 95 -4.42 -17.21 33.14
N ASN C 96 -4.68 -18.26 33.93
CA ASN C 96 -4.04 -19.56 33.70
C ASN C 96 -4.95 -20.58 33.01
N THR C 97 -5.98 -20.10 32.30
CA THR C 97 -7.04 -20.86 31.63
C THR C 97 -8.10 -21.34 32.61
N ILE C 98 -7.82 -21.33 33.91
CA ILE C 98 -8.79 -21.68 34.94
C ILE C 98 -9.37 -20.43 35.59
N MET C 99 -8.52 -19.48 35.95
CA MET C 99 -8.95 -18.29 36.67
C MET C 99 -7.90 -17.21 36.49
N PRO C 100 -8.23 -15.96 36.76
CA PRO C 100 -7.21 -14.90 36.79
C PRO C 100 -6.22 -15.13 37.92
N LEU C 101 -4.93 -15.03 37.60
CA LEU C 101 -3.87 -15.03 38.60
C LEU C 101 -3.48 -13.62 39.00
N LEU C 102 -3.56 -12.67 38.07
CA LEU C 102 -3.19 -11.28 38.32
C LEU C 102 -4.15 -10.41 37.53
N ASP C 103 -4.62 -9.31 38.13
CA ASP C 103 -5.57 -8.45 37.44
C ASP C 103 -5.39 -7.02 37.96
N GLN C 104 -4.64 -6.22 37.21
CA GLN C 104 -4.58 -4.78 37.42
C GLN C 104 -5.15 -4.05 36.21
N ARG C 105 -6.18 -4.63 35.61
CA ARG C 105 -6.82 -4.00 34.45
C ARG C 105 -7.50 -2.69 34.81
N TYR C 106 -7.75 -2.43 36.10
CA TYR C 106 -8.20 -1.12 36.51
C TYR C 106 -7.20 -0.02 36.12
N LEU C 107 -5.95 -0.38 35.83
CA LEU C 107 -5.01 0.56 35.26
C LEU C 107 -5.33 0.87 33.81
N LEU C 108 -6.08 -0.01 33.15
CA LEU C 108 -6.56 0.21 31.80
C LEU C 108 -7.89 0.97 31.84
N THR C 109 -8.26 1.52 30.68
CA THR C 109 -9.47 2.30 30.56
C THR C 109 -10.71 1.45 30.29
N GLY C 110 -10.65 0.16 30.54
CA GLY C 110 -11.75 -0.74 30.22
C GLY C 110 -12.80 -0.87 31.31
N GLY C 111 -12.43 -0.60 32.56
CA GLY C 111 -13.34 -0.79 33.67
C GLY C 111 -13.37 -2.18 34.23
N GLN C 112 -12.44 -3.05 33.83
CA GLN C 112 -12.38 -4.42 34.32
C GLN C 112 -11.45 -4.53 35.52
N MET D 1 8.74 38.95 -17.76
CA MET D 1 8.34 37.56 -17.89
C MET D 1 7.66 37.04 -16.63
N THR D 2 6.44 36.53 -16.79
CA THR D 2 5.74 35.90 -15.66
C THR D 2 6.49 34.63 -15.24
N LEU D 3 6.08 34.09 -14.09
CA LEU D 3 6.79 32.93 -13.55
C LEU D 3 6.70 31.75 -14.51
N GLU D 4 5.52 31.53 -15.09
CA GLU D 4 5.36 30.46 -16.08
C GLU D 4 6.30 30.66 -17.26
N LEU D 5 6.46 31.90 -17.71
CA LEU D 5 7.37 32.17 -18.82
C LEU D 5 8.81 32.02 -18.40
N GLN D 6 9.16 32.40 -17.16
CA GLN D 6 10.51 32.18 -16.67
C GLN D 6 10.85 30.70 -16.66
N LEU D 7 9.92 29.87 -16.15
CA LEU D 7 10.13 28.43 -16.14
C LEU D 7 10.26 27.88 -17.56
N LYS D 8 9.41 28.36 -18.48
CA LYS D 8 9.49 27.88 -19.85
C LYS D 8 10.82 28.23 -20.48
N HIS D 9 11.25 29.48 -20.34
CA HIS D 9 12.54 29.92 -20.86
C HIS D 9 13.67 29.06 -20.30
N TYR D 10 13.65 28.84 -18.98
CA TYR D 10 14.68 28.03 -18.34
C TYR D 10 14.70 26.61 -18.91
N ILE D 11 13.52 26.00 -19.06
CA ILE D 11 13.46 24.60 -19.47
C ILE D 11 13.86 24.46 -20.93
N THR D 12 13.36 25.33 -21.79
CA THR D 12 13.68 25.25 -23.21
C THR D 12 15.15 25.55 -23.46
N ASN D 13 15.77 26.42 -22.66
CA ASN D 13 17.21 26.63 -22.81
C ASN D 13 18.01 25.43 -22.30
N LEU D 14 17.58 24.88 -21.16
CA LEU D 14 18.32 23.75 -20.58
C LEU D 14 18.30 22.54 -21.50
N PHE D 15 17.16 22.25 -22.13
CA PHE D 15 16.98 21.05 -22.93
C PHE D 15 16.96 21.31 -24.44
N ASN D 16 17.31 22.51 -24.88
CA ASN D 16 17.31 22.90 -26.30
C ASN D 16 15.99 22.54 -26.98
N LEU D 17 14.93 23.08 -26.44
CA LEU D 17 13.61 22.91 -26.99
C LEU D 17 13.20 24.17 -27.74
N PRO D 18 12.32 24.04 -28.74
CA PRO D 18 11.92 25.23 -29.52
C PRO D 18 11.28 26.29 -28.64
N LYS D 19 11.87 27.48 -28.64
CA LYS D 19 11.42 28.57 -27.78
C LYS D 19 10.02 29.04 -28.10
N ASP D 20 9.56 28.83 -29.34
CA ASP D 20 8.26 29.32 -29.78
C ASP D 20 7.16 28.27 -29.70
N GLU D 21 7.49 27.04 -29.29
CA GLU D 21 6.46 26.02 -29.16
C GLU D 21 5.53 26.38 -28.01
N LYS D 22 4.22 26.32 -28.27
CA LYS D 22 3.26 26.66 -27.24
C LYS D 22 3.23 25.58 -26.17
N TRP D 23 3.27 26.00 -24.90
CA TRP D 23 3.07 25.11 -23.78
C TRP D 23 1.62 25.17 -23.34
N GLU D 24 1.05 24.03 -23.00
CA GLU D 24 -0.27 23.98 -22.42
C GLU D 24 -0.17 23.55 -20.96
N CYS D 25 -1.25 23.77 -20.21
CA CYS D 25 -1.23 23.57 -18.77
C CYS D 25 -2.38 22.66 -18.35
N GLU D 26 -2.07 21.73 -17.45
CA GLU D 26 -3.05 20.96 -16.71
C GLU D 26 -2.98 21.39 -15.26
N SER D 27 -4.10 21.82 -14.70
CA SER D 27 -4.16 22.32 -13.33
C SER D 27 -5.04 21.39 -12.50
N ILE D 28 -4.49 20.94 -11.37
CA ILE D 28 -5.21 20.02 -10.50
C ILE D 28 -4.98 20.43 -9.05
N GLU D 29 -5.99 20.23 -8.20
CA GLU D 29 -5.81 20.36 -6.77
C GLU D 29 -5.60 18.98 -6.16
N GLU D 30 -4.65 18.89 -5.23
CA GLU D 30 -4.35 17.59 -4.61
C GLU D 30 -3.55 17.82 -3.34
N ILE D 31 -3.69 16.91 -2.37
CA ILE D 31 -2.94 17.06 -1.12
C ILE D 31 -1.45 16.87 -1.37
N ALA D 32 -0.64 17.58 -0.60
CA ALA D 32 0.81 17.56 -0.78
C ALA D 32 1.38 16.17 -0.58
N ASP D 33 0.74 15.35 0.27
CA ASP D 33 1.25 14.03 0.58
C ASP D 33 1.38 13.14 -0.65
N ASP D 34 0.56 13.38 -1.67
CA ASP D 34 0.58 12.55 -2.87
C ASP D 34 1.51 13.07 -3.95
N ILE D 35 2.03 14.29 -3.83
CA ILE D 35 2.78 14.89 -4.92
C ILE D 35 4.18 15.34 -4.53
N LEU D 36 4.46 15.54 -3.25
CA LEU D 36 5.79 15.99 -2.86
C LEU D 36 6.55 14.88 -2.12
N PRO D 37 7.89 14.90 -2.15
CA PRO D 37 8.67 13.85 -1.49
C PRO D 37 8.29 13.66 -0.03
N ASP D 38 8.42 12.41 0.43
CA ASP D 38 7.94 12.04 1.76
C ASP D 38 8.62 12.86 2.85
N GLN D 39 9.92 13.12 2.72
CA GLN D 39 10.65 13.77 3.79
C GLN D 39 10.23 15.22 3.99
N TYR D 40 9.64 15.86 2.97
CA TYR D 40 9.29 17.27 3.04
C TYR D 40 7.80 17.48 3.30
N VAL D 41 7.07 16.43 3.67
CA VAL D 41 5.64 16.52 3.92
C VAL D 41 5.42 16.00 5.34
N ARG D 42 5.27 16.93 6.29
CA ARG D 42 5.21 16.58 7.70
C ARG D 42 4.10 17.36 8.38
N LEU D 43 3.58 16.79 9.47
CA LEU D 43 2.50 17.42 10.22
C LEU D 43 2.89 18.82 10.68
N GLY D 44 1.90 19.72 10.67
CA GLY D 44 2.13 21.12 10.94
C GLY D 44 2.73 21.90 9.79
N ALA D 45 3.07 21.25 8.68
CA ALA D 45 3.59 21.95 7.51
C ALA D 45 2.76 21.61 6.28
N LEU D 46 3.32 20.82 5.36
CA LEU D 46 2.66 20.55 4.08
C LEU D 46 1.63 19.45 4.17
N SER D 47 1.70 18.59 5.19
CA SER D 47 0.85 17.41 5.25
C SER D 47 -0.62 17.79 5.35
N ASN D 48 -1.44 17.15 4.51
CA ASN D 48 -2.89 17.31 4.47
C ASN D 48 -3.34 18.67 3.95
N LYS D 49 -2.44 19.42 3.32
CA LYS D 49 -2.79 20.69 2.69
C LYS D 49 -3.05 20.46 1.20
N ILE D 50 -4.15 21.02 0.71
CA ILE D 50 -4.50 20.93 -0.70
C ILE D 50 -3.68 21.96 -1.46
N LEU D 51 -2.91 21.49 -2.44
CA LEU D 51 -2.11 22.35 -3.29
C LEU D 51 -2.80 22.54 -4.63
N GLN D 52 -2.68 23.76 -5.17
CA GLN D 52 -3.07 24.05 -6.54
C GLN D 52 -1.85 23.84 -7.43
N THR D 53 -1.99 22.99 -8.44
CA THR D 53 -0.84 22.56 -9.22
C THR D 53 -1.03 22.93 -10.68
N TYR D 54 0.10 23.28 -11.31
CA TYR D 54 0.20 23.61 -12.73
C TYR D 54 1.29 22.73 -13.31
N THR D 55 0.92 21.85 -14.23
CA THR D 55 1.86 20.99 -14.92
C THR D 55 1.80 21.32 -16.40
N TYR D 56 2.94 21.65 -16.98
CA TYR D 56 3.00 22.09 -18.37
C TYR D 56 3.40 20.94 -19.27
N TYR D 57 2.85 20.94 -20.49
CA TYR D 57 3.08 19.86 -21.42
C TYR D 57 3.02 20.40 -22.84
N SER D 58 3.67 19.67 -23.75
CA SER D 58 3.71 19.98 -25.17
C SER D 58 4.31 18.77 -25.87
N ASP D 59 4.36 18.83 -27.21
CA ASP D 59 4.90 17.72 -27.98
C ASP D 59 6.37 17.49 -27.65
N THR D 60 7.19 18.55 -27.70
CA THR D 60 8.62 18.37 -27.44
C THR D 60 8.87 18.08 -25.96
N LEU D 61 8.04 18.60 -25.06
CA LEU D 61 8.13 18.21 -23.67
C LEU D 61 7.84 16.72 -23.50
N HIS D 62 6.86 16.20 -24.22
CA HIS D 62 6.57 14.77 -24.15
C HIS D 62 7.69 13.95 -24.75
N GLU D 63 8.31 14.43 -25.85
CA GLU D 63 9.45 13.75 -26.42
C GLU D 63 10.62 13.72 -25.44
N SER D 64 10.78 14.79 -24.66
CA SER D 64 11.85 14.85 -23.67
C SER D 64 11.48 14.13 -22.38
N ASN D 65 10.21 13.75 -22.23
CA ASN D 65 9.73 13.09 -21.01
C ASN D 65 9.95 13.97 -19.78
N ILE D 66 9.66 15.26 -19.93
CA ILE D 66 9.81 16.23 -18.85
C ILE D 66 8.47 16.90 -18.62
N TYR D 67 8.12 17.12 -17.35
CA TYR D 67 6.92 17.83 -16.96
C TYR D 67 7.27 18.94 -15.98
N PRO D 68 7.46 20.17 -16.46
CA PRO D 68 7.65 21.29 -15.53
C PRO D 68 6.38 21.55 -14.76
N PHE D 69 6.54 22.00 -13.52
CA PHE D 69 5.39 22.24 -12.67
C PHE D 69 5.67 23.41 -11.72
N ILE D 70 4.57 24.02 -11.31
CA ILE D 70 4.53 25.04 -10.27
C ILE D 70 3.40 24.68 -9.32
N LEU D 71 3.68 24.69 -8.02
CA LEU D 71 2.73 24.34 -6.99
C LEU D 71 2.51 25.53 -6.07
N TYR D 72 1.27 25.73 -5.66
CA TYR D 72 0.87 26.81 -4.76
C TYR D 72 0.02 26.24 -3.64
N TYR D 73 0.03 26.94 -2.51
CA TYR D 73 -0.92 26.71 -1.42
C TYR D 73 -1.58 28.04 -1.11
N GLN D 74 -2.88 28.15 -1.42
CA GLN D 74 -3.58 29.43 -1.50
C GLN D 74 -2.83 30.24 -2.56
N LYS D 75 -2.34 31.44 -2.27
CA LYS D 75 -1.55 32.18 -3.24
C LYS D 75 -0.05 32.09 -2.96
N GLN D 76 0.35 31.27 -2.00
CA GLN D 76 1.76 31.16 -1.63
C GLN D 76 2.47 30.20 -2.57
N LEU D 77 3.56 30.65 -3.19
CA LEU D 77 4.38 29.77 -4.01
C LEU D 77 4.95 28.64 -3.14
N ILE D 78 4.71 27.40 -3.56
CA ILE D 78 5.18 26.24 -2.83
C ILE D 78 6.31 25.53 -3.56
N ALA D 79 6.22 25.39 -4.88
CA ALA D 79 7.29 24.66 -5.55
C ALA D 79 7.40 25.07 -7.01
N ILE D 80 8.63 25.05 -7.51
CA ILE D 80 8.91 25.16 -8.94
C ILE D 80 9.90 24.06 -9.27
N GLY D 81 9.62 23.30 -10.33
CA GLY D 81 10.55 22.26 -10.73
C GLY D 81 10.07 21.51 -11.96
N TYR D 82 10.55 20.27 -12.11
CA TYR D 82 10.05 19.40 -13.17
C TYR D 82 10.27 17.95 -12.79
N ILE D 83 9.38 17.08 -13.31
CA ILE D 83 9.48 15.62 -13.18
C ILE D 83 10.01 15.02 -14.48
N ASP D 84 10.90 14.03 -14.37
CA ASP D 84 11.47 13.40 -15.55
C ASP D 84 10.76 12.08 -15.87
N GLU D 85 11.35 11.30 -16.79
CA GLU D 85 10.77 10.02 -17.19
C GLU D 85 10.77 9.00 -16.07
N ASN D 86 11.78 9.02 -15.21
CA ASN D 86 11.89 8.13 -14.07
C ASN D 86 11.15 8.64 -12.85
N HIS D 87 10.24 9.61 -13.03
CA HIS D 87 9.49 10.24 -11.95
C HIS D 87 10.41 10.88 -10.92
N ASP D 88 11.59 11.34 -11.35
CA ASP D 88 12.49 12.07 -10.48
C ASP D 88 12.23 13.56 -10.63
N MET D 89 12.04 14.23 -9.49
CA MET D 89 11.82 15.66 -9.45
C MET D 89 13.12 16.42 -9.33
N ASP D 90 13.24 17.52 -10.09
CA ASP D 90 14.31 18.49 -9.94
C ASP D 90 13.66 19.80 -9.54
N PHE D 91 14.08 20.36 -8.41
CA PHE D 91 13.43 21.54 -7.85
C PHE D 91 14.25 22.80 -8.12
N LEU D 92 13.58 23.83 -8.63
CA LEU D 92 14.10 25.18 -8.57
C LEU D 92 13.70 25.90 -7.29
N TYR D 93 12.60 25.49 -6.66
CA TYR D 93 12.13 26.17 -5.47
C TYR D 93 11.21 25.24 -4.69
N LEU D 94 11.32 25.31 -3.35
CA LEU D 94 10.48 24.51 -2.46
C LEU D 94 10.32 25.24 -1.13
N HIS D 95 9.06 25.37 -0.70
CA HIS D 95 8.67 26.07 0.52
C HIS D 95 7.60 25.22 1.21
N ASN D 96 7.72 25.04 2.53
CA ASN D 96 6.82 24.12 3.23
C ASN D 96 5.73 24.82 4.03
N THR D 97 5.43 26.08 3.69
CA THR D 97 4.48 26.97 4.36
C THR D 97 5.02 27.56 5.66
N ILE D 98 6.08 26.98 6.21
CA ILE D 98 6.73 27.53 7.38
C ILE D 98 7.95 28.36 6.99
N MET D 99 8.74 27.84 6.06
CA MET D 99 9.97 28.48 5.64
C MET D 99 10.36 27.99 4.26
N PRO D 100 11.18 28.76 3.52
CA PRO D 100 11.75 28.24 2.28
C PRO D 100 12.71 27.10 2.61
N LEU D 101 12.57 25.99 1.91
CA LEU D 101 13.53 24.89 2.03
C LEU D 101 14.58 24.91 0.95
N LEU D 102 14.22 25.38 -0.24
CA LEU D 102 15.15 25.45 -1.35
C LEU D 102 14.75 26.66 -2.20
N ASP D 103 15.76 27.41 -2.67
CA ASP D 103 15.48 28.60 -3.49
C ASP D 103 16.67 28.78 -4.43
N GLN D 104 16.51 28.29 -5.65
CA GLN D 104 17.46 28.53 -6.74
C GLN D 104 16.79 29.32 -7.86
N ARG D 105 15.88 30.23 -7.50
CA ARG D 105 15.19 31.05 -8.49
C ARG D 105 16.14 31.99 -9.24
N TYR D 106 17.35 32.21 -8.72
CA TYR D 106 18.33 32.99 -9.47
C TYR D 106 18.64 32.37 -10.83
N LEU D 107 18.40 31.07 -10.98
CA LEU D 107 18.56 30.41 -12.28
C LEU D 107 17.53 30.86 -13.30
N LEU D 108 16.45 31.51 -12.86
CA LEU D 108 15.44 32.04 -13.76
C LEU D 108 15.90 33.41 -14.25
N THR D 109 16.47 33.44 -15.46
CA THR D 109 16.97 34.66 -16.10
C THR D 109 17.75 35.58 -15.16
#